data_1ZA3
#
_entry.id   1ZA3
#
_cell.length_a   147.059
_cell.length_b   147.059
_cell.length_c   144.947
_cell.angle_alpha   90.00
_cell.angle_beta   90.00
_cell.angle_gamma   120.00
#
_symmetry.space_group_name_H-M   'P 32 2 1'
#
loop_
_entity.id
_entity.type
_entity.pdbx_description
1 polymer 'Fab-YSd1 light chain'
2 polymer 'Fab-YSd1 heavy chain'
3 polymer 'Tumor necrosis factor receptor superfamily member 10B'
#
loop_
_entity_poly.entity_id
_entity_poly.type
_entity_poly.pdbx_seq_one_letter_code
_entity_poly.pdbx_strand_id
1 'polypeptide(L)'
;DIQMTQSPSSLSASVGDRVTITCRASQDVNTAVAWYQQKPGKAPKLLIYAASYLYSGVPSRFSGSGSGTDFTLTISSLQP
EDFATYYCQSSSSPYTFGQGTKVEIKRTVAAPSVFIFPPSDEQLKSGTASVVCLLNNFYPREAKVQWKVDNALQSGNSQE
SVTEQDSKDSTYSLSSTLTLSKADYEKHKVYACEVTHQGLSSPVTKSFNRGEC
;
A,L
2 'polypeptide(L)'
;EVQLVESGGGLVQPGGSLRLSCAASGFSIYSYSIHWVRQAPGKGLEWVASISPYSGYTSYADSVKGRFTISADTSKNTAY
LQMNSLRAEDTAVYYCSRYSSYYSYYYSSSSYSYAMDYWGQGTLVTVSSASTKGPSVFPLAPSSKSTSGGTAALGCLVKD
YFPEPVTVSWNSGALTSGVHTFPAVLQSSGLYSLSSVVTVPSSSLGTQTYICNVNHKPSNTKVDKKVEPKSCDKTH
;
B,H
3 'polypeptide(L)'
;GSHMALITQQDLAPQQRAAPQQKRSSPSEGLCPPGHHISEDGRDCISCKYGQDYSTHWNDLLFCLRCTRCDSGEVELSPC
TTTRNTVCQCEEGTFREEDSPEMCRKCRTGCPRGMVKVGDCTPWSDIECVHKES
;
R,S
#
# COMPACT_ATOMS: atom_id res chain seq x y z
N ASP A 1 8.06 40.63 -14.73
CA ASP A 1 7.33 39.52 -14.04
C ASP A 1 7.28 39.75 -12.53
N ILE A 2 6.07 39.88 -11.99
CA ILE A 2 5.91 40.30 -10.60
C ILE A 2 6.15 39.12 -9.67
N GLN A 3 6.39 39.42 -8.40
CA GLN A 3 6.57 38.41 -7.40
C GLN A 3 6.06 39.03 -6.11
N MET A 4 5.09 38.39 -5.48
CA MET A 4 4.62 38.85 -4.18
C MET A 4 5.38 38.13 -3.07
N THR A 5 5.88 38.92 -2.13
CA THR A 5 6.70 38.42 -1.03
C THR A 5 6.01 38.77 0.25
N GLN A 6 5.62 37.77 1.01
CA GLN A 6 4.96 37.98 2.27
C GLN A 6 5.95 37.87 3.43
N SER A 7 5.46 38.27 4.59
CA SER A 7 6.27 38.30 5.79
C SER A 7 5.36 38.34 7.00
N PRO A 8 5.49 37.38 7.89
CA PRO A 8 6.42 36.27 7.73
C PRO A 8 5.75 35.14 6.98
N SER A 9 6.46 34.03 6.89
CA SER A 9 5.89 32.83 6.34
C SER A 9 4.97 32.21 7.36
N SER A 10 5.25 32.45 8.65
CA SER A 10 4.45 31.89 9.72
C SER A 10 4.49 32.75 10.97
N LEU A 11 3.38 32.76 11.71
CA LEU A 11 3.33 33.41 13.03
C LEU A 11 2.41 32.71 14.06
N SER A 12 2.71 32.93 15.34
CA SER A 12 1.85 32.48 16.43
C SER A 12 1.35 33.70 17.20
N ALA A 13 0.03 33.80 17.38
CA ALA A 13 -0.56 34.88 18.15
C ALA A 13 -1.71 34.38 19.02
N SER A 14 -1.89 35.01 20.18
CA SER A 14 -2.90 34.56 21.11
C SER A 14 -4.21 35.27 20.84
N VAL A 15 -5.29 34.62 21.25
CA VAL A 15 -6.64 35.14 21.02
C VAL A 15 -6.69 36.58 21.50
N GLY A 16 -7.28 37.46 20.70
CA GLY A 16 -7.31 38.87 20.98
C GLY A 16 -6.03 39.64 20.65
N ASP A 17 -5.01 38.98 20.10
CA ASP A 17 -3.77 39.68 19.77
C ASP A 17 -4.05 40.44 18.49
N ARG A 18 -3.24 41.45 18.20
CA ARG A 18 -3.28 42.08 16.87
C ARG A 18 -2.18 41.54 15.97
N VAL A 19 -2.60 40.83 14.94
CA VAL A 19 -1.69 40.22 13.97
C VAL A 19 -1.45 41.17 12.79
N THR A 20 -0.24 41.16 12.24
CA THR A 20 0.12 42.06 11.15
C THR A 20 0.93 41.30 10.15
N ILE A 21 0.31 41.00 9.00
CA ILE A 21 0.99 40.32 7.91
C ILE A 21 1.18 41.32 6.79
N THR A 22 2.44 41.52 6.41
CA THR A 22 2.79 42.49 5.38
C THR A 22 3.30 41.79 4.11
N CYS A 23 3.21 42.48 2.97
CA CYS A 23 3.43 41.87 1.64
C CYS A 23 3.90 42.87 0.59
N ARG A 24 5.07 42.62 0.01
CA ARG A 24 5.76 43.59 -0.85
C ARG A 24 5.88 43.09 -2.29
N ALA A 25 5.25 43.81 -3.21
CA ALA A 25 5.27 43.48 -4.63
C ALA A 25 6.55 44.00 -5.28
N SER A 26 7.09 43.22 -6.21
CA SER A 26 8.40 43.52 -6.80
C SER A 26 8.33 44.67 -7.80
N GLN A 27 7.15 44.84 -8.39
CA GLN A 27 6.85 45.97 -9.26
C GLN A 27 5.73 46.78 -8.59
N ASP A 28 5.53 48.03 -9.01
CA ASP A 28 4.41 48.85 -8.49
C ASP A 28 3.10 48.36 -9.10
N VAL A 29 2.09 48.12 -8.26
CA VAL A 29 0.77 47.64 -8.70
C VAL A 29 -0.42 48.53 -8.32
N ASN A 30 -0.16 49.80 -8.02
CA ASN A 30 -1.18 50.75 -7.61
C ASN A 30 -1.85 50.31 -6.31
N THR A 31 -3.16 50.09 -6.36
CA THR A 31 -3.89 49.53 -5.24
C THR A 31 -4.72 48.42 -5.85
N ALA A 32 -4.10 47.27 -6.04
CA ALA A 32 -4.72 46.20 -6.83
C ALA A 32 -4.34 44.86 -6.28
N VAL A 33 -4.17 44.84 -4.97
CA VAL A 33 -3.83 43.63 -4.29
C VAL A 33 -5.06 43.22 -3.50
N ALA A 34 -5.30 41.92 -3.43
CA ALA A 34 -6.36 41.38 -2.61
C ALA A 34 -5.74 40.53 -1.54
N TRP A 35 -6.55 40.06 -0.61
CA TRP A 35 -6.08 39.22 0.46
C TRP A 35 -7.04 38.04 0.64
N TYR A 36 -6.51 36.86 0.84
CA TYR A 36 -7.33 35.66 0.95
C TYR A 36 -7.04 34.85 2.21
N GLN A 37 -8.09 34.37 2.87
CA GLN A 37 -7.95 33.45 4.00
C GLN A 37 -8.26 32.04 3.48
N GLN A 38 -7.32 31.11 3.60
CA GLN A 38 -7.58 29.71 3.23
C GLN A 38 -7.41 28.82 4.45
N LYS A 39 -8.39 27.95 4.68
CA LYS A 39 -8.32 27.00 5.77
C LYS A 39 -8.21 25.58 5.22
N PRO A 40 -7.55 24.71 5.95
CA PRO A 40 -7.35 23.33 5.52
C PRO A 40 -8.60 22.72 4.95
N GLY A 41 -8.49 22.09 3.77
CA GLY A 41 -9.62 21.41 3.14
C GLY A 41 -10.43 22.36 2.27
N LYS A 42 -10.72 23.54 2.82
CA LYS A 42 -11.51 24.56 2.14
C LYS A 42 -10.75 25.31 1.03
N ALA A 43 -11.53 26.00 0.21
CA ALA A 43 -11.01 26.86 -0.84
C ALA A 43 -10.76 28.24 -0.28
N PRO A 44 -9.80 28.95 -0.85
CA PRO A 44 -9.57 30.34 -0.50
C PRO A 44 -10.88 31.15 -0.40
N LYS A 45 -10.84 32.15 0.47
CA LYS A 45 -11.94 33.10 0.69
C LYS A 45 -11.31 34.47 0.57
N LEU A 46 -11.94 35.37 -0.17
CA LEU A 46 -11.42 36.71 -0.35
C LEU A 46 -11.86 37.52 0.84
N LEU A 47 -10.94 38.30 1.42
CA LEU A 47 -11.24 39.10 2.60
C LEU A 47 -11.21 40.57 2.26
N ILE A 48 -10.08 41.01 1.72
CA ILE A 48 -9.90 42.38 1.35
C ILE A 48 -9.59 42.40 -0.11
N TYR A 49 -10.23 43.34 -0.81
CA TYR A 49 -10.06 43.54 -2.24
C TYR A 49 -9.71 44.98 -2.53
N ALA A 50 -9.14 45.25 -3.70
CA ALA A 50 -8.71 46.60 -4.09
C ALA A 50 -7.49 47.10 -3.31
N ALA A 51 -7.28 46.62 -2.09
CA ALA A 51 -6.10 46.95 -1.27
C ALA A 51 -6.58 47.14 0.13
N SER A 52 -7.62 47.97 0.23
CA SER A 52 -8.17 48.35 1.51
C SER A 52 -9.66 48.11 1.69
N TYR A 53 -10.34 47.48 0.75
CA TYR A 53 -11.80 47.33 0.83
C TYR A 53 -12.26 46.02 1.48
N LEU A 54 -13.17 46.10 2.46
CA LEU A 54 -13.72 44.90 3.09
C LEU A 54 -14.76 44.23 2.20
N TYR A 55 -14.45 43.01 1.73
CA TYR A 55 -15.35 42.21 0.89
C TYR A 55 -16.59 41.88 1.65
N SER A 56 -17.72 41.83 0.97
CA SER A 56 -19.04 41.65 1.59
C SER A 56 -19.13 40.40 2.48
N GLY A 57 -19.61 40.59 3.70
CA GLY A 57 -19.79 39.47 4.62
C GLY A 57 -18.56 39.12 5.46
N VAL A 58 -17.39 39.68 5.18
CA VAL A 58 -16.21 39.35 5.94
C VAL A 58 -16.24 40.15 7.24
N PRO A 59 -15.84 39.51 8.33
CA PRO A 59 -15.60 40.18 9.62
C PRO A 59 -14.75 41.45 9.59
N SER A 60 -15.22 42.49 10.28
CA SER A 60 -14.59 43.81 10.32
C SER A 60 -13.17 43.79 10.87
N ARG A 61 -12.84 42.75 11.64
CA ARG A 61 -11.52 42.64 12.23
C ARG A 61 -10.42 42.45 11.21
N PHE A 62 -10.79 42.17 9.97
CA PHE A 62 -9.85 42.11 8.83
C PHE A 62 -9.71 43.47 8.14
N SER A 63 -8.46 43.88 7.90
CA SER A 63 -8.16 45.26 7.48
C SER A 63 -6.99 45.37 6.49
N GLY A 64 -7.29 45.79 5.27
CA GLY A 64 -6.29 45.88 4.20
C GLY A 64 -5.84 47.30 3.93
N SER A 65 -4.55 47.51 3.81
CA SER A 65 -4.07 48.85 4.09
C SER A 65 -2.73 49.16 3.47
N GLY A 66 -2.70 49.02 2.15
CA GLY A 66 -1.57 49.42 1.33
C GLY A 66 -1.81 50.23 0.03
N SER A 67 -0.69 50.59 -0.61
CA SER A 67 -0.69 51.22 -1.92
C SER A 67 0.73 51.31 -2.46
N GLY A 68 0.97 50.69 -3.61
CA GLY A 68 2.18 50.92 -4.38
C GLY A 68 2.96 49.64 -4.47
N THR A 69 3.90 49.45 -3.54
CA THR A 69 4.66 48.21 -3.48
C THR A 69 4.48 47.51 -2.15
N ASP A 70 4.13 48.23 -1.10
CA ASP A 70 4.02 47.64 0.24
C ASP A 70 2.57 47.63 0.76
N PHE A 71 2.14 46.50 1.32
CA PHE A 71 0.73 46.26 1.64
C PHE A 71 0.56 45.49 2.94
N THR A 72 -0.47 45.80 3.71
CA THR A 72 -0.52 45.32 5.10
C THR A 72 -1.89 44.86 5.60
N LEU A 73 -2.15 43.58 5.51
CA LEU A 73 -3.33 42.98 6.13
C LEU A 73 -3.20 42.99 7.66
N THR A 74 -4.14 43.58 8.38
CA THR A 74 -4.12 43.57 9.85
C THR A 74 -5.30 42.84 10.39
N ILE A 75 -5.06 41.63 10.93
CA ILE A 75 -6.06 40.94 11.77
C ILE A 75 -6.11 41.57 13.17
N SER A 76 -7.33 41.84 13.64
CA SER A 76 -7.46 42.77 14.75
C SER A 76 -7.63 42.12 16.12
N SER A 77 -8.69 41.36 16.37
CA SER A 77 -8.75 40.73 17.69
C SER A 77 -8.72 39.21 17.53
N LEU A 78 -7.57 38.73 17.07
CA LEU A 78 -7.42 37.35 16.55
C LEU A 78 -8.23 36.34 17.33
N GLN A 79 -8.96 35.50 16.62
CA GLN A 79 -9.89 34.57 17.24
C GLN A 79 -9.42 33.14 17.05
N PRO A 80 -10.01 32.20 17.78
CA PRO A 80 -9.66 30.79 17.65
C PRO A 80 -9.77 30.35 16.23
N GLU A 81 -10.83 30.82 15.57
CA GLU A 81 -11.17 30.40 14.23
C GLU A 81 -10.36 31.06 13.13
N ASP A 82 -9.40 31.91 13.48
CA ASP A 82 -8.58 32.57 12.46
C ASP A 82 -7.31 31.83 12.08
N PHE A 83 -7.15 30.63 12.62
CA PHE A 83 -6.12 29.70 12.18
C PHE A 83 -6.33 29.48 10.73
N ALA A 84 -5.35 29.90 9.95
CA ALA A 84 -5.45 29.88 8.49
C ALA A 84 -4.17 30.37 7.83
N THR A 85 -4.00 29.92 6.59
CA THR A 85 -3.02 30.50 5.69
C THR A 85 -3.63 31.71 4.97
N TYR A 86 -2.82 32.73 4.77
CA TYR A 86 -3.28 34.01 4.30
C TYR A 86 -2.36 34.43 3.15
N TYR A 87 -2.95 34.79 2.01
CA TYR A 87 -2.19 35.17 0.82
C TYR A 87 -2.52 36.55 0.34
N CYS A 88 -1.51 37.37 0.11
CA CYS A 88 -1.75 38.59 -0.66
C CYS A 88 -1.55 38.15 -2.09
N GLN A 89 -2.35 38.71 -3.02
CA GLN A 89 -2.29 38.39 -4.45
C GLN A 89 -2.35 39.67 -5.25
N SER A 90 -1.37 39.92 -6.11
CA SER A 90 -1.59 40.91 -7.16
C SER A 90 -2.69 40.39 -8.06
N SER A 91 -3.84 41.05 -8.05
CA SER A 91 -4.94 40.71 -8.97
C SER A 91 -4.64 41.07 -10.44
N SER A 92 -4.65 42.35 -10.74
CA SER A 92 -5.01 42.77 -12.09
C SER A 92 -4.12 42.34 -13.30
N SER A 93 -2.96 41.72 -13.03
CA SER A 93 -1.90 41.66 -14.04
C SER A 93 -1.84 40.22 -14.48
N PRO A 94 -0.74 39.49 -14.23
CA PRO A 94 -0.84 38.04 -14.02
C PRO A 94 -1.33 37.95 -12.61
N TYR A 95 -1.81 36.79 -12.16
CA TYR A 95 -2.57 36.82 -10.91
C TYR A 95 -1.76 36.27 -9.73
N THR A 96 -0.50 36.69 -9.68
CA THR A 96 0.47 36.11 -8.76
C THR A 96 0.04 36.25 -7.30
N PHE A 97 -0.05 35.12 -6.61
CA PHE A 97 -0.27 35.08 -5.18
C PHE A 97 1.08 35.20 -4.49
N GLY A 98 1.04 35.36 -3.18
CA GLY A 98 2.25 35.40 -2.39
C GLY A 98 2.49 34.01 -1.92
N GLN A 99 3.60 33.80 -1.21
CA GLN A 99 3.98 32.45 -0.79
C GLN A 99 3.06 31.99 0.31
N GLY A 100 2.37 32.95 0.92
CA GLY A 100 1.37 32.65 1.92
C GLY A 100 1.93 32.85 3.29
N THR A 101 1.11 33.28 4.22
CA THR A 101 1.53 33.50 5.59
C THR A 101 0.63 32.64 6.48
N LYS A 102 1.23 31.94 7.44
CA LYS A 102 0.57 30.85 8.16
C LYS A 102 0.37 31.25 9.62
N VAL A 103 -0.88 31.48 9.99
CA VAL A 103 -1.21 31.94 11.33
C VAL A 103 -1.70 30.76 12.16
N GLU A 104 -1.23 30.66 13.38
CA GLU A 104 -1.61 29.58 14.26
C GLU A 104 -1.88 30.20 15.63
N ILE A 105 -2.87 29.67 16.34
CA ILE A 105 -3.36 30.37 17.53
C ILE A 105 -2.67 29.86 18.79
N LYS A 106 -1.94 30.73 19.46
CA LYS A 106 -1.31 30.38 20.73
C LYS A 106 -2.34 30.26 21.89
N ARG A 107 -2.18 29.18 22.65
CA ARG A 107 -2.97 28.94 23.84
C ARG A 107 -2.07 28.36 24.90
N THR A 108 -2.64 27.87 25.98
CA THR A 108 -1.85 27.39 27.12
C THR A 108 -1.48 25.96 26.86
N VAL A 109 -0.44 25.48 27.51
CA VAL A 109 0.06 24.12 27.26
C VAL A 109 -0.97 23.10 27.72
N ALA A 110 -1.33 22.19 26.81
CA ALA A 110 -2.29 21.12 27.06
C ALA A 110 -1.60 19.79 26.80
N ALA A 111 -1.62 18.90 27.78
CA ALA A 111 -1.06 17.56 27.60
C ALA A 111 -1.97 16.77 26.69
N PRO A 112 -1.39 15.83 25.97
CA PRO A 112 -2.15 14.96 25.08
C PRO A 112 -2.70 13.77 25.87
N SER A 113 -3.92 13.36 25.60
CA SER A 113 -4.42 12.08 26.06
C SER A 113 -3.76 11.07 25.16
N VAL A 114 -3.25 9.99 25.71
CA VAL A 114 -2.62 8.97 24.89
C VAL A 114 -3.47 7.71 24.87
N PHE A 115 -3.61 7.13 23.68
CA PHE A 115 -4.34 5.89 23.51
C PHE A 115 -3.56 4.95 22.61
N ILE A 116 -3.54 3.67 22.98
CA ILE A 116 -2.93 2.67 22.12
C ILE A 116 -3.93 1.64 21.61
N PHE A 117 -3.68 1.22 20.36
CA PHE A 117 -4.61 0.45 19.57
C PHE A 117 -3.90 -0.79 18.99
N PRO A 118 -4.19 -1.95 19.54
CA PRO A 118 -3.64 -3.18 18.98
C PRO A 118 -4.20 -3.35 17.56
N PRO A 119 -3.54 -4.15 16.72
CA PRO A 119 -4.02 -4.38 15.35
C PRO A 119 -5.22 -5.31 15.36
N SER A 120 -6.10 -5.19 14.37
CA SER A 120 -7.31 -6.01 14.34
C SER A 120 -7.02 -7.48 13.97
N ASP A 121 -7.96 -8.36 14.31
CA ASP A 121 -7.85 -9.77 13.93
C ASP A 121 -7.94 -9.92 12.41
N GLU A 122 -8.77 -9.08 11.80
CA GLU A 122 -9.00 -9.09 10.35
C GLU A 122 -7.74 -8.72 9.58
N GLN A 123 -6.95 -7.83 10.16
CA GLN A 123 -5.79 -7.29 9.48
C GLN A 123 -4.61 -8.27 9.56
N LEU A 124 -4.47 -8.98 10.67
CA LEU A 124 -3.37 -9.95 10.84
C LEU A 124 -3.49 -11.01 9.79
N LYS A 125 -4.74 -11.33 9.50
CA LYS A 125 -5.06 -12.21 8.41
C LYS A 125 -4.55 -11.63 7.07
N SER A 126 -4.75 -10.33 6.84
CA SER A 126 -4.21 -9.65 5.65
C SER A 126 -2.66 -9.59 5.52
N GLY A 127 -1.93 -10.23 6.44
CA GLY A 127 -0.49 -10.43 6.30
C GLY A 127 0.35 -9.27 6.78
N THR A 128 -0.24 -8.41 7.60
CA THR A 128 0.35 -7.16 8.02
C THR A 128 -0.29 -6.75 9.35
N ALA A 129 0.42 -5.99 10.17
CA ALA A 129 -0.05 -5.63 11.51
C ALA A 129 0.19 -4.17 11.84
N SER A 130 -0.89 -3.43 12.08
CA SER A 130 -0.84 -1.99 12.33
C SER A 130 -1.28 -1.57 13.74
N VAL A 131 -0.30 -1.19 14.56
CA VAL A 131 -0.52 -0.68 15.91
C VAL A 131 -0.56 0.84 15.84
N VAL A 132 -1.63 1.44 16.34
CA VAL A 132 -1.76 2.89 16.27
C VAL A 132 -1.74 3.53 17.66
N CYS A 133 -1.09 4.69 17.75
CA CYS A 133 -0.92 5.43 19.00
C CYS A 133 -1.38 6.85 18.78
N LEU A 134 -2.27 7.31 19.64
CA LEU A 134 -3.09 8.47 19.32
C LEU A 134 -2.94 9.48 20.44
N LEU A 135 -2.51 10.69 20.08
CA LEU A 135 -2.37 11.82 21.01
C LEU A 135 -3.54 12.76 20.73
N ASN A 136 -4.30 13.09 21.75
CA ASN A 136 -5.59 13.76 21.56
C ASN A 136 -5.74 15.14 22.26
N ASN A 137 -5.96 16.17 21.45
CA ASN A 137 -6.29 17.52 21.90
C ASN A 137 -5.21 18.16 22.76
N PHE A 138 -4.04 18.39 22.15
CA PHE A 138 -2.88 18.93 22.86
C PHE A 138 -2.26 20.16 22.19
N TYR A 139 -1.39 20.83 22.94
CA TYR A 139 -0.65 22.01 22.47
C TYR A 139 0.61 22.16 23.32
N PRO A 140 1.72 22.65 22.78
CA PRO A 140 1.89 23.00 21.36
C PRO A 140 2.01 21.80 20.48
N ARG A 141 2.24 22.05 19.20
CA ARG A 141 2.30 20.98 18.20
C ARG A 141 3.40 19.95 18.46
N GLU A 142 4.50 20.39 19.06
CA GLU A 142 5.71 19.56 19.15
C GLU A 142 5.53 18.37 20.07
N ALA A 143 6.03 17.22 19.63
CA ALA A 143 5.92 15.99 20.41
C ALA A 143 6.86 14.89 19.90
N LYS A 144 7.38 14.09 20.83
CA LYS A 144 8.20 12.91 20.54
C LYS A 144 7.40 11.67 20.84
N VAL A 145 7.11 10.91 19.81
CA VAL A 145 6.55 9.58 20.01
C VAL A 145 7.61 8.58 19.55
N GLN A 146 7.94 7.63 20.41
CA GLN A 146 8.85 6.55 20.06
C GLN A 146 8.12 5.22 20.24
N TRP A 147 8.59 4.18 19.56
CA TRP A 147 7.99 2.84 19.70
C TRP A 147 8.95 1.86 20.37
N LYS A 148 8.38 0.97 21.17
CA LYS A 148 9.14 0.02 21.99
C LYS A 148 8.48 -1.36 21.89
N VAL A 149 9.16 -2.29 21.22
CA VAL A 149 8.68 -3.67 21.12
C VAL A 149 9.62 -4.60 21.91
N ASP A 150 9.09 -5.11 23.02
CA ASP A 150 9.90 -5.72 24.08
C ASP A 150 11.04 -4.78 24.42
N ASN A 151 10.67 -3.53 24.67
CA ASN A 151 11.58 -2.45 25.07
C ASN A 151 12.80 -2.28 24.14
N ALA A 152 12.56 -2.41 22.84
CA ALA A 152 13.58 -2.14 21.82
C ALA A 152 13.12 -0.97 20.95
N LEU A 153 13.96 0.06 20.85
CA LEU A 153 13.63 1.27 20.12
C LEU A 153 13.55 1.02 18.62
N GLN A 154 12.34 1.04 18.09
CA GLN A 154 12.11 0.77 16.67
C GLN A 154 12.52 2.00 15.88
N SER A 155 13.00 1.78 14.66
CA SER A 155 13.60 2.86 13.87
C SER A 155 12.78 3.30 12.62
N GLY A 156 12.84 2.53 11.54
CA GLY A 156 12.30 2.98 10.27
C GLY A 156 10.88 2.54 9.97
N ASN A 157 10.14 2.11 10.99
CA ASN A 157 8.84 1.43 10.81
C ASN A 157 7.60 2.18 11.31
N SER A 158 7.72 3.49 11.56
CA SER A 158 6.60 4.30 12.07
C SER A 158 6.49 5.64 11.34
N GLN A 159 5.26 5.99 10.96
CA GLN A 159 4.96 7.26 10.32
C GLN A 159 3.93 8.04 11.16
N GLU A 160 4.06 9.37 11.16
CA GLU A 160 3.22 10.25 11.95
C GLU A 160 2.29 11.06 11.04
N SER A 161 1.09 11.34 11.55
CA SER A 161 0.14 12.28 10.98
C SER A 161 -0.32 13.27 12.07
N VAL A 162 -0.59 14.53 11.68
CA VAL A 162 -1.13 15.53 12.62
C VAL A 162 -2.28 16.31 12.00
N THR A 163 -3.31 16.56 12.82
CA THR A 163 -4.48 17.29 12.35
C THR A 163 -4.16 18.73 12.17
N GLU A 164 -5.11 19.44 11.59
CA GLU A 164 -5.11 20.89 11.58
C GLU A 164 -5.37 21.34 12.99
N GLN A 165 -5.00 22.59 13.29
CA GLN A 165 -5.30 23.18 14.59
C GLN A 165 -6.82 23.24 14.72
N ASP A 166 -7.34 22.99 15.91
CA ASP A 166 -8.78 23.03 16.11
C ASP A 166 -9.27 24.49 16.02
N SER A 167 -10.48 24.69 15.52
CA SER A 167 -10.99 26.04 15.28
C SER A 167 -11.78 26.59 16.46
N LYS A 168 -11.89 25.81 17.54
CA LYS A 168 -12.54 26.28 18.76
C LYS A 168 -11.65 26.21 20.02
N ASP A 169 -10.70 25.27 20.03
CA ASP A 169 -9.78 25.11 21.17
C ASP A 169 -8.28 25.04 20.79
N SER A 170 -7.94 25.31 19.53
CA SER A 170 -6.55 25.52 19.12
C SER A 170 -5.57 24.40 19.50
N THR A 171 -6.08 23.16 19.54
CA THR A 171 -5.25 21.98 19.83
C THR A 171 -4.96 21.15 18.57
N TYR A 172 -4.01 20.24 18.71
CA TYR A 172 -3.66 19.31 17.65
C TYR A 172 -3.93 17.90 18.13
N SER A 173 -3.90 16.97 17.20
CA SER A 173 -3.92 15.55 17.51
C SER A 173 -2.96 14.82 16.56
N LEU A 174 -2.30 13.79 17.06
CA LEU A 174 -1.24 13.10 16.32
C LEU A 174 -1.39 11.57 16.37
N SER A 175 -1.43 10.94 15.20
CA SER A 175 -1.43 9.48 15.12
C SER A 175 -0.03 9.04 14.79
N SER A 176 0.43 7.95 15.43
CA SER A 176 1.67 7.28 15.04
C SER A 176 1.36 5.81 14.77
N THR A 177 1.70 5.36 13.56
CA THR A 177 1.29 4.04 13.13
C THR A 177 2.50 3.13 12.91
N LEU A 178 2.69 2.19 13.83
CA LEU A 178 3.71 1.15 13.74
C LEU A 178 3.19 0.05 12.85
N THR A 179 4.05 -0.41 11.94
CA THR A 179 3.62 -1.26 10.85
C THR A 179 4.62 -2.40 10.67
N LEU A 180 4.21 -3.60 11.07
CA LEU A 180 5.04 -4.80 11.00
C LEU A 180 4.39 -5.87 10.14
N SER A 181 5.23 -6.65 9.45
CA SER A 181 4.78 -7.87 8.81
C SER A 181 4.25 -8.77 9.91
N LYS A 182 3.28 -9.62 9.58
CA LYS A 182 2.59 -10.44 10.58
C LYS A 182 3.56 -11.24 11.42
N ALA A 183 4.49 -11.93 10.75
CA ALA A 183 5.49 -12.76 11.42
C ALA A 183 6.26 -11.98 12.51
N ASP A 184 6.74 -10.78 12.18
CA ASP A 184 7.50 -9.97 13.13
C ASP A 184 6.69 -9.58 14.36
N TYR A 185 5.39 -9.36 14.17
CA TYR A 185 4.51 -8.95 15.27
C TYR A 185 4.33 -10.08 16.28
N GLU A 186 4.30 -11.30 15.79
CA GLU A 186 4.08 -12.47 16.63
C GLU A 186 5.40 -13.05 17.21
N LYS A 187 6.52 -12.35 16.98
CA LYS A 187 7.83 -12.70 17.56
C LYS A 187 8.05 -12.01 18.90
N HIS A 188 7.16 -11.07 19.23
CA HIS A 188 7.37 -10.19 20.35
C HIS A 188 6.06 -9.93 21.12
N LYS A 189 6.15 -9.73 22.43
CA LYS A 189 4.95 -9.60 23.26
C LYS A 189 4.49 -8.17 23.43
N VAL A 190 5.39 -7.33 23.93
CA VAL A 190 5.03 -6.00 24.43
C VAL A 190 5.03 -4.94 23.33
N TYR A 191 4.09 -4.01 23.42
CA TYR A 191 3.94 -2.93 22.44
C TYR A 191 3.60 -1.64 23.15
N ALA A 192 4.53 -0.70 23.12
CA ALA A 192 4.36 0.54 23.84
C ALA A 192 4.78 1.71 22.97
N CYS A 193 3.96 2.76 22.93
CA CYS A 193 4.41 4.05 22.44
C CYS A 193 4.69 4.91 23.65
N GLU A 194 5.65 5.82 23.51
CA GLU A 194 6.15 6.65 24.61
C GLU A 194 6.13 8.10 24.18
N VAL A 195 5.17 8.83 24.71
CA VAL A 195 4.93 10.21 24.32
C VAL A 195 5.77 11.10 25.22
N THR A 196 6.41 12.09 24.63
CA THR A 196 7.23 13.04 25.37
C THR A 196 6.81 14.43 24.99
N HIS A 197 6.25 15.15 25.94
CA HIS A 197 5.63 16.43 25.64
C HIS A 197 5.95 17.47 26.71
N GLN A 198 6.00 18.73 26.31
CA GLN A 198 6.17 19.84 27.25
C GLN A 198 5.03 19.89 28.27
N GLY A 199 3.83 19.54 27.82
CA GLY A 199 2.68 19.47 28.69
C GLY A 199 2.80 18.43 29.78
N LEU A 200 3.50 17.33 29.47
CA LEU A 200 3.75 16.24 30.42
C LEU A 200 5.01 16.46 31.26
N SER A 201 4.87 16.31 32.58
CA SER A 201 5.99 16.49 33.51
C SER A 201 7.07 15.44 33.27
N SER A 202 6.62 14.21 33.05
CA SER A 202 7.49 13.10 32.64
C SER A 202 6.74 12.18 31.67
N PRO A 203 7.48 11.57 30.73
CA PRO A 203 6.90 10.86 29.58
C PRO A 203 5.84 9.78 29.88
N VAL A 204 4.71 9.86 29.18
CA VAL A 204 3.62 8.91 29.34
C VAL A 204 3.78 7.78 28.33
N THR A 205 3.73 6.55 28.84
CA THR A 205 3.89 5.35 28.04
C THR A 205 2.60 4.55 28.19
N LYS A 206 1.92 4.33 27.09
CA LYS A 206 0.81 3.39 27.07
C LYS A 206 1.21 2.15 26.26
N SER A 207 0.68 0.99 26.65
CA SER A 207 1.01 -0.28 26.01
C SER A 207 -0.05 -1.37 26.17
N PHE A 208 0.04 -2.37 25.31
CA PHE A 208 -0.64 -3.65 25.50
C PHE A 208 0.39 -4.75 25.31
N ASN A 209 0.09 -5.96 25.77
CA ASN A 209 0.90 -7.13 25.43
C ASN A 209 0.08 -8.04 24.55
N ARG A 210 0.58 -8.31 23.34
CA ARG A 210 -0.11 -9.19 22.40
C ARG A 210 -0.64 -10.48 23.04
N GLY A 211 -1.87 -10.82 22.68
CA GLY A 211 -2.58 -11.94 23.26
C GLY A 211 -3.43 -11.50 24.43
N GLU A 212 -4.07 -10.32 24.29
CA GLU A 212 -5.00 -9.75 25.26
C GLU A 212 -4.57 -9.94 26.73
N CYS A 213 -3.48 -9.31 27.12
CA CYS A 213 -2.90 -9.53 28.46
C CYS A 213 -3.70 -8.86 29.59
N GLU B 1 -28.53 31.61 -4.33
CA GLU B 1 -27.18 31.57 -3.70
C GLU B 1 -26.20 31.26 -4.80
N VAL B 2 -25.13 32.04 -4.91
CA VAL B 2 -24.10 31.75 -5.91
C VAL B 2 -23.41 30.45 -5.49
N GLN B 3 -23.11 29.58 -6.45
CA GLN B 3 -22.08 28.54 -6.22
C GLN B 3 -21.47 28.03 -7.51
N LEU B 4 -20.23 27.54 -7.42
CA LEU B 4 -19.51 27.00 -8.57
C LEU B 4 -19.01 25.58 -8.33
N VAL B 5 -19.89 24.60 -8.55
CA VAL B 5 -19.51 23.20 -8.43
C VAL B 5 -18.64 22.76 -9.60
N GLU B 6 -17.40 22.38 -9.32
CA GLU B 6 -16.55 21.76 -10.35
C GLU B 6 -16.47 20.25 -10.24
N SER B 7 -16.02 19.66 -11.36
CA SER B 7 -16.10 18.23 -11.59
C SER B 7 -15.04 17.87 -12.62
N GLY B 8 -14.80 16.57 -12.76
CA GLY B 8 -13.95 16.07 -13.84
C GLY B 8 -12.53 15.71 -13.46
N GLY B 9 -12.12 16.10 -12.25
CA GLY B 9 -10.78 15.78 -11.76
C GLY B 9 -10.57 14.29 -11.65
N GLY B 10 -9.37 13.89 -11.26
CA GLY B 10 -9.10 12.51 -10.88
C GLY B 10 -7.74 12.00 -11.28
N LEU B 11 -7.64 10.71 -11.55
CA LEU B 11 -6.38 10.05 -11.83
C LEU B 11 -6.12 10.01 -13.33
N VAL B 12 -4.96 10.52 -13.76
CA VAL B 12 -4.56 10.44 -15.17
C VAL B 12 -3.15 9.95 -15.36
N GLN B 13 -2.93 9.28 -16.49
CA GLN B 13 -1.62 8.79 -16.86
C GLN B 13 -0.85 9.98 -17.38
N PRO B 14 0.45 9.99 -17.18
CA PRO B 14 1.30 11.03 -17.77
C PRO B 14 1.19 11.02 -19.29
N GLY B 15 1.16 12.21 -19.88
CA GLY B 15 0.90 12.36 -21.30
C GLY B 15 -0.55 12.06 -21.64
N GLY B 16 -1.47 12.65 -20.88
CA GLY B 16 -2.90 12.36 -20.99
C GLY B 16 -3.86 13.53 -20.82
N SER B 17 -5.03 13.36 -21.46
CA SER B 17 -6.12 14.32 -21.45
C SER B 17 -6.93 14.28 -20.15
N LEU B 18 -7.56 15.40 -19.80
CA LEU B 18 -8.32 15.50 -18.57
C LEU B 18 -9.10 16.80 -18.55
N ARG B 19 -10.40 16.70 -18.73
CA ARG B 19 -11.25 17.89 -18.82
C ARG B 19 -11.93 18.13 -17.50
N LEU B 20 -11.73 19.35 -16.98
CA LEU B 20 -12.33 19.81 -15.73
C LEU B 20 -13.52 20.63 -16.14
N SER B 21 -14.49 20.70 -15.26
CA SER B 21 -15.80 21.24 -15.61
C SER B 21 -16.23 22.08 -14.43
N CYS B 22 -16.49 23.37 -14.66
CA CYS B 22 -16.85 24.30 -13.58
C CYS B 22 -18.24 24.88 -13.76
N ALA B 23 -19.21 24.27 -13.07
CA ALA B 23 -20.64 24.53 -13.27
C ALA B 23 -21.19 25.64 -12.36
N ALA B 24 -21.46 26.80 -12.96
CA ALA B 24 -21.83 28.01 -12.22
C ALA B 24 -23.35 28.10 -12.06
N SER B 25 -23.79 28.27 -10.82
CA SER B 25 -25.21 28.44 -10.51
C SER B 25 -25.43 29.63 -9.57
N GLY B 26 -26.56 30.32 -9.74
CA GLY B 26 -26.83 31.55 -9.04
C GLY B 26 -26.44 32.80 -9.81
N PHE B 27 -25.71 32.70 -10.91
CA PHE B 27 -25.36 33.87 -11.72
C PHE B 27 -25.05 33.55 -13.19
N SER B 28 -24.74 34.61 -13.95
CA SER B 28 -24.56 34.53 -15.41
C SER B 28 -23.08 34.58 -15.74
N ILE B 29 -22.52 33.48 -16.17
CA ILE B 29 -21.10 33.43 -16.51
C ILE B 29 -20.67 34.50 -17.50
N TYR B 30 -21.54 34.82 -18.47
CA TYR B 30 -21.23 35.82 -19.50
C TYR B 30 -20.56 37.07 -18.91
N SER B 31 -21.31 37.87 -18.16
CA SER B 31 -20.84 39.17 -17.70
C SER B 31 -19.65 39.11 -16.77
N TYR B 32 -19.33 37.92 -16.30
CA TYR B 32 -18.17 37.74 -15.45
C TYR B 32 -16.96 37.12 -16.16
N SER B 33 -15.91 36.90 -15.39
CA SER B 33 -14.69 36.30 -15.88
C SER B 33 -14.49 35.09 -15.03
N ILE B 34 -14.16 33.94 -15.61
CA ILE B 34 -13.88 32.72 -14.83
C ILE B 34 -12.44 32.28 -14.93
N HIS B 35 -11.77 32.20 -13.79
CA HIS B 35 -10.37 31.82 -13.72
C HIS B 35 -10.27 30.48 -13.05
N TRP B 36 -9.40 29.64 -13.59
CA TRP B 36 -8.90 28.48 -12.86
C TRP B 36 -7.56 28.78 -12.18
N VAL B 37 -7.40 28.20 -11.01
CA VAL B 37 -6.24 28.41 -10.15
C VAL B 37 -5.99 27.09 -9.45
N ARG B 38 -4.74 26.64 -9.38
CA ARG B 38 -4.43 25.31 -8.83
C ARG B 38 -3.41 25.34 -7.71
N GLN B 39 -3.42 24.29 -6.89
CA GLN B 39 -2.64 24.21 -5.65
C GLN B 39 -2.04 22.82 -5.48
N ALA B 40 -0.72 22.70 -5.54
CA ALA B 40 -0.06 21.42 -5.29
C ALA B 40 -0.05 21.07 -3.79
N PRO B 41 -0.24 19.79 -3.46
CA PRO B 41 -0.47 19.41 -2.05
C PRO B 41 0.50 20.10 -1.12
N GLY B 42 -0.02 20.75 -0.08
CA GLY B 42 0.81 21.41 0.92
C GLY B 42 1.59 22.64 0.45
N LYS B 43 1.15 23.24 -0.67
CA LYS B 43 1.88 24.36 -1.28
C LYS B 43 0.88 25.46 -1.58
N GLY B 44 1.38 26.55 -2.16
CA GLY B 44 0.58 27.74 -2.42
C GLY B 44 -0.27 27.66 -3.66
N LEU B 45 -0.90 28.79 -3.99
CA LEU B 45 -1.83 28.86 -5.10
C LEU B 45 -1.12 29.34 -6.34
N GLU B 46 -1.59 28.88 -7.50
CA GLU B 46 -1.01 29.27 -8.79
C GLU B 46 -2.12 29.43 -9.84
N TRP B 47 -2.31 30.65 -10.33
CA TRP B 47 -3.32 30.92 -11.36
C TRP B 47 -2.94 30.14 -12.58
N VAL B 48 -3.89 29.42 -13.16
CA VAL B 48 -3.63 28.65 -14.38
C VAL B 48 -4.08 29.45 -15.57
N ALA B 49 -5.39 29.70 -15.61
CA ALA B 49 -6.03 30.24 -16.79
C ALA B 49 -7.21 31.12 -16.46
N SER B 50 -7.63 31.90 -17.45
CA SER B 50 -8.79 32.79 -17.35
C SER B 50 -9.53 32.92 -18.66
N ILE B 51 -10.80 33.27 -18.57
CA ILE B 51 -11.67 33.41 -19.71
C ILE B 51 -12.77 34.38 -19.35
N SER B 52 -13.01 35.37 -20.19
CA SER B 52 -14.07 36.36 -19.94
C SER B 52 -14.96 36.34 -21.16
N PRO B 53 -16.07 35.62 -21.06
CA PRO B 53 -17.02 35.52 -22.18
C PRO B 53 -17.52 36.86 -22.72
N TYR B 54 -17.66 37.86 -21.86
CA TYR B 54 -18.11 39.20 -22.29
C TYR B 54 -17.22 39.86 -23.32
N SER B 55 -15.94 39.52 -23.36
CA SER B 55 -15.00 40.07 -24.31
C SER B 55 -14.52 39.06 -25.32
N GLY B 56 -14.46 37.80 -24.92
CA GLY B 56 -13.82 36.76 -25.71
C GLY B 56 -12.40 36.40 -25.30
N TYR B 57 -11.88 37.13 -24.32
CA TYR B 57 -10.47 37.09 -23.96
C TYR B 57 -10.10 35.88 -23.12
N THR B 58 -9.03 35.21 -23.51
CA THR B 58 -8.43 34.17 -22.67
C THR B 58 -6.97 34.50 -22.36
N SER B 59 -6.56 34.17 -21.14
CA SER B 59 -5.15 34.16 -20.79
C SER B 59 -4.83 32.88 -20.04
N TYR B 60 -3.60 32.44 -20.21
CA TYR B 60 -3.11 31.26 -19.53
C TYR B 60 -1.79 31.63 -18.85
N ALA B 61 -1.31 30.76 -17.98
CA ALA B 61 0.04 30.90 -17.43
C ALA B 61 1.01 30.25 -18.38
N ASP B 62 2.30 30.53 -18.26
CA ASP B 62 3.30 29.97 -19.19
C ASP B 62 3.61 28.52 -18.86
N SER B 63 3.56 28.18 -17.57
CA SER B 63 3.78 26.79 -17.16
C SER B 63 2.61 25.87 -17.58
N VAL B 64 1.75 26.37 -18.47
CA VAL B 64 0.59 25.63 -18.94
C VAL B 64 0.15 25.95 -20.38
N LYS B 65 0.69 27.03 -20.95
CA LYS B 65 0.42 27.43 -22.33
C LYS B 65 0.55 26.27 -23.29
N GLY B 66 -0.33 26.23 -24.27
CA GLY B 66 -0.24 25.29 -25.36
C GLY B 66 -0.62 23.88 -25.02
N ARG B 67 -0.96 23.65 -23.74
CA ARG B 67 -1.42 22.35 -23.28
C ARG B 67 -2.82 22.46 -22.75
N PHE B 68 -3.08 23.50 -21.98
CA PHE B 68 -4.39 23.72 -21.37
C PHE B 68 -5.21 24.66 -22.24
N THR B 69 -6.51 24.38 -22.28
CA THR B 69 -7.43 25.17 -23.07
C THR B 69 -8.62 25.44 -22.19
N ILE B 70 -8.98 26.71 -22.07
CA ILE B 70 -10.14 27.13 -21.28
C ILE B 70 -11.27 27.40 -22.26
N SER B 71 -12.49 27.09 -21.84
CA SER B 71 -13.64 27.33 -22.70
C SER B 71 -14.89 27.62 -21.85
N ALA B 72 -16.01 27.90 -22.50
CA ALA B 72 -17.20 28.30 -21.76
C ALA B 72 -18.44 28.29 -22.63
N ASP B 73 -19.52 27.75 -22.08
CA ASP B 73 -20.76 27.61 -22.83
C ASP B 73 -21.89 28.29 -22.09
N THR B 74 -22.20 29.52 -22.52
CA THR B 74 -23.18 30.32 -21.81
C THR B 74 -24.47 29.57 -21.72
N SER B 75 -24.83 28.88 -22.79
CA SER B 75 -26.05 28.10 -22.78
C SER B 75 -26.05 27.15 -21.58
N LYS B 76 -25.00 26.35 -21.41
CA LYS B 76 -24.92 25.40 -20.29
C LYS B 76 -24.44 26.07 -18.98
N ASN B 77 -24.12 27.36 -19.05
CA ASN B 77 -23.53 28.11 -17.96
C ASN B 77 -22.43 27.40 -17.19
N THR B 78 -21.51 26.80 -17.93
CA THR B 78 -20.35 26.15 -17.35
C THR B 78 -19.13 26.76 -17.98
N ALA B 79 -18.00 26.54 -17.36
CA ALA B 79 -16.71 26.83 -17.96
C ALA B 79 -15.84 25.56 -17.90
N TYR B 80 -15.05 25.32 -18.92
CA TYR B 80 -14.22 24.13 -18.94
C TYR B 80 -12.73 24.50 -18.88
N LEU B 81 -11.93 23.48 -18.60
CA LEU B 81 -10.47 23.52 -18.72
C LEU B 81 -10.01 22.16 -19.26
N GLN B 82 -9.75 22.07 -20.55
CA GLN B 82 -9.20 20.85 -21.13
C GLN B 82 -7.72 20.82 -20.85
N MET B 83 -7.24 19.69 -20.31
CA MET B 83 -5.85 19.56 -19.87
C MET B 83 -5.21 18.47 -20.68
N ASN B 84 -4.19 18.81 -21.47
CA ASN B 84 -3.54 17.81 -22.31
C ASN B 84 -2.08 17.63 -21.93
N SER B 85 -1.46 16.59 -22.50
CA SER B 85 -0.07 16.23 -22.24
C SER B 85 0.34 16.55 -20.81
N LEU B 86 -0.43 16.01 -19.88
CA LEU B 86 -0.22 16.28 -18.46
C LEU B 86 1.10 15.74 -17.96
N ARG B 87 1.69 16.45 -17.01
CA ARG B 87 2.91 16.02 -16.35
C ARG B 87 2.62 15.65 -14.92
N ALA B 88 3.59 15.01 -14.27
CA ALA B 88 3.49 14.75 -12.84
C ALA B 88 3.38 16.08 -12.08
N GLU B 89 4.05 17.10 -12.57
CA GLU B 89 4.04 18.42 -11.92
C GLU B 89 2.68 19.13 -11.94
N ASP B 90 1.76 18.70 -12.80
CA ASP B 90 0.47 19.35 -12.92
C ASP B 90 -0.47 18.88 -11.83
N THR B 91 -0.11 17.79 -11.15
CA THR B 91 -0.91 17.26 -10.05
C THR B 91 -1.20 18.33 -9.03
N ALA B 92 -2.46 18.64 -8.87
CA ALA B 92 -2.89 19.62 -7.89
C ALA B 92 -4.41 19.57 -7.73
N VAL B 93 -4.89 20.37 -6.80
CA VAL B 93 -6.31 20.62 -6.66
C VAL B 93 -6.61 21.88 -7.43
N TYR B 94 -7.47 21.76 -8.43
CA TYR B 94 -7.75 22.86 -9.34
C TYR B 94 -9.04 23.48 -8.87
N TYR B 95 -9.02 24.81 -8.80
CA TYR B 95 -10.13 25.63 -8.31
C TYR B 95 -10.59 26.45 -9.46
N CYS B 96 -11.89 26.71 -9.53
CA CYS B 96 -12.38 27.71 -10.46
C CYS B 96 -13.03 28.82 -9.66
N SER B 97 -13.14 30.00 -10.25
CA SER B 97 -13.42 31.20 -9.45
C SER B 97 -14.03 32.33 -10.29
N ARG B 98 -14.97 33.04 -9.68
CA ARG B 98 -15.63 34.14 -10.36
C ARG B 98 -14.79 35.37 -10.10
N TYR B 99 -14.66 36.23 -11.10
CA TYR B 99 -13.82 37.43 -11.00
C TYR B 99 -14.65 38.58 -11.47
N SER B 100 -15.01 39.43 -10.53
CA SER B 100 -15.81 40.60 -10.78
C SER B 100 -14.98 41.63 -11.48
N SER B 101 -15.42 42.05 -12.66
CA SER B 101 -14.73 43.07 -13.45
C SER B 101 -15.54 44.36 -13.32
N TYR B 102 -15.66 45.16 -14.36
CA TYR B 102 -16.57 46.28 -14.27
C TYR B 102 -17.72 46.02 -15.23
N TYR B 103 -17.46 45.40 -16.38
CA TYR B 103 -18.53 44.95 -17.26
C TYR B 103 -19.54 44.17 -16.44
N SER B 104 -19.04 43.43 -15.44
CA SER B 104 -19.86 42.89 -14.36
C SER B 104 -20.88 43.92 -13.89
N TYR B 105 -20.41 45.12 -13.62
CA TYR B 105 -21.27 46.23 -13.29
C TYR B 105 -22.16 46.70 -14.42
N TYR B 106 -21.58 46.93 -15.60
CA TYR B 106 -22.33 47.52 -16.72
C TYR B 106 -23.45 46.58 -17.03
N TYR B 107 -23.15 45.29 -16.94
CA TYR B 107 -24.14 44.31 -17.27
C TYR B 107 -25.21 44.12 -16.16
N SER B 108 -24.88 43.41 -15.09
CA SER B 108 -25.90 43.02 -14.11
C SER B 108 -26.07 43.97 -12.92
N SER B 109 -25.17 44.93 -12.80
CA SER B 109 -25.08 45.81 -11.62
C SER B 109 -24.61 44.98 -10.44
N SER B 110 -23.51 44.25 -10.63
CA SER B 110 -22.91 43.51 -9.55
C SER B 110 -22.14 44.50 -8.73
N SER B 111 -21.59 44.03 -7.63
CA SER B 111 -20.51 44.74 -6.98
C SER B 111 -19.29 44.03 -7.54
N TYR B 112 -18.31 44.81 -7.96
CA TYR B 112 -17.08 44.21 -8.41
C TYR B 112 -15.95 44.41 -7.40
N SER B 113 -14.98 43.48 -7.44
CA SER B 113 -13.85 43.52 -6.54
C SER B 113 -12.54 43.47 -7.28
N TYR B 114 -12.60 43.36 -8.60
CA TYR B 114 -11.42 43.10 -9.39
C TYR B 114 -10.55 42.10 -8.68
N ALA B 115 -11.19 41.05 -8.18
CA ALA B 115 -10.51 39.94 -7.54
C ALA B 115 -11.34 38.65 -7.73
N MET B 116 -10.89 37.53 -7.17
CA MET B 116 -11.66 36.31 -7.26
C MET B 116 -12.57 36.20 -6.06
N ASP B 117 -13.86 36.45 -6.26
CA ASP B 117 -14.82 36.58 -5.15
C ASP B 117 -15.78 35.42 -4.87
N TYR B 118 -15.74 34.36 -5.67
CA TYR B 118 -16.31 33.07 -5.27
C TYR B 118 -15.43 31.98 -5.84
N TRP B 119 -15.15 30.98 -5.01
CA TRP B 119 -14.29 29.89 -5.45
C TRP B 119 -15.06 28.58 -5.35
N GLY B 120 -15.00 27.78 -6.41
CA GLY B 120 -15.49 26.42 -6.34
C GLY B 120 -14.70 25.57 -5.35
N GLN B 121 -15.32 24.50 -4.87
CA GLN B 121 -14.73 23.60 -3.87
C GLN B 121 -13.45 22.87 -4.31
N GLY B 122 -13.20 22.82 -5.61
CA GLY B 122 -12.01 22.21 -6.17
C GLY B 122 -12.07 20.69 -6.32
N THR B 123 -11.68 20.18 -7.49
CA THR B 123 -11.38 18.76 -7.65
C THR B 123 -9.89 18.53 -7.77
N LEU B 124 -9.48 17.38 -7.24
CA LEU B 124 -8.12 16.93 -7.32
C LEU B 124 -7.82 16.25 -8.67
N VAL B 125 -6.66 16.58 -9.23
CA VAL B 125 -6.13 15.85 -10.37
C VAL B 125 -4.81 15.28 -9.95
N THR B 126 -4.62 13.98 -10.10
CA THR B 126 -3.33 13.36 -9.86
C THR B 126 -2.87 12.61 -11.13
N VAL B 127 -1.63 12.89 -11.53
CA VAL B 127 -1.05 12.36 -12.78
C VAL B 127 0.03 11.34 -12.47
N SER B 128 -0.29 10.06 -12.60
CA SER B 128 0.64 9.00 -12.19
C SER B 128 0.28 7.66 -12.79
N SER B 129 1.28 6.94 -13.26
CA SER B 129 1.02 5.74 -14.03
C SER B 129 0.47 4.61 -13.19
N ALA B 130 0.69 4.65 -11.87
CA ALA B 130 0.23 3.57 -10.98
C ALA B 130 -1.30 3.39 -10.97
N SER B 131 -1.74 2.17 -10.69
CA SER B 131 -3.14 1.78 -10.87
C SER B 131 -3.95 2.05 -9.60
N THR B 132 -5.26 2.23 -9.77
CA THR B 132 -6.17 2.53 -8.65
C THR B 132 -6.46 1.30 -7.79
N LYS B 133 -6.43 1.49 -6.48
CA LYS B 133 -6.72 0.42 -5.52
C LYS B 133 -7.62 0.90 -4.37
N GLY B 134 -8.57 0.05 -3.97
CA GLY B 134 -9.53 0.40 -2.94
C GLY B 134 -8.94 0.18 -1.56
N PRO B 135 -9.46 0.85 -0.54
CA PRO B 135 -9.00 0.63 0.83
C PRO B 135 -9.56 -0.65 1.46
N SER B 136 -8.78 -1.23 2.38
CA SER B 136 -9.30 -2.18 3.34
C SER B 136 -9.57 -1.37 4.62
N VAL B 137 -10.56 -1.76 5.41
CA VAL B 137 -11.02 -0.93 6.52
C VAL B 137 -11.09 -1.71 7.82
N PHE B 138 -10.19 -1.39 8.74
CA PHE B 138 -10.08 -2.12 10.01
C PHE B 138 -10.53 -1.28 11.18
N PRO B 139 -11.01 -1.90 12.23
CA PRO B 139 -11.39 -1.16 13.43
C PRO B 139 -10.18 -0.78 14.29
N LEU B 140 -10.26 0.39 14.94
CA LEU B 140 -9.42 0.73 16.08
C LEU B 140 -10.21 0.60 17.40
N ALA B 141 -10.21 -0.60 17.97
CA ALA B 141 -11.07 -0.93 19.10
C ALA B 141 -10.69 -0.20 20.40
N PRO B 142 -11.69 0.15 21.21
CA PRO B 142 -11.47 0.86 22.49
C PRO B 142 -11.02 -0.02 23.66
N SER B 143 -10.41 0.60 24.67
CA SER B 143 -9.96 -0.06 25.91
C SER B 143 -8.89 -1.11 25.65
N GLY B 150 -14.20 9.07 33.43
CA GLY B 150 -13.31 8.40 32.49
C GLY B 150 -13.78 8.50 31.05
N THR B 151 -12.82 8.64 30.13
CA THR B 151 -13.12 8.82 28.70
C THR B 151 -12.30 7.84 27.84
N ALA B 152 -12.93 7.38 26.75
CA ALA B 152 -12.35 6.33 25.90
C ALA B 152 -12.32 6.74 24.44
N ALA B 153 -11.40 6.13 23.69
CA ALA B 153 -11.19 6.45 22.27
C ALA B 153 -11.24 5.23 21.36
N LEU B 154 -11.96 5.37 20.26
CA LEU B 154 -12.06 4.35 19.23
C LEU B 154 -11.84 4.99 17.87
N GLY B 155 -11.84 4.18 16.82
CA GLY B 155 -11.61 4.69 15.48
C GLY B 155 -11.59 3.59 14.45
N CYS B 156 -11.18 3.93 13.22
CA CYS B 156 -10.92 2.91 12.21
C CYS B 156 -9.77 3.32 11.28
N LEU B 157 -9.06 2.32 10.79
CA LEU B 157 -7.87 2.48 9.98
C LEU B 157 -8.20 2.15 8.55
N VAL B 158 -8.19 3.17 7.70
CA VAL B 158 -8.42 3.03 6.27
C VAL B 158 -7.07 2.90 5.59
N LYS B 159 -6.76 1.72 5.06
CA LYS B 159 -5.40 1.37 4.68
C LYS B 159 -5.26 0.99 3.20
N ASP B 160 -4.14 1.37 2.59
CA ASP B 160 -3.72 0.88 1.28
C ASP B 160 -4.67 1.27 0.15
N TYR B 161 -4.78 2.55 -0.17
CA TYR B 161 -5.64 2.95 -1.28
C TYR B 161 -4.95 3.94 -2.20
N PHE B 162 -5.62 4.26 -3.30
CA PHE B 162 -5.06 5.13 -4.33
C PHE B 162 -6.07 5.32 -5.46
N PRO B 163 -6.15 6.54 -5.98
CA PRO B 163 -5.44 7.69 -5.48
C PRO B 163 -6.29 8.33 -4.41
N GLU B 164 -5.83 9.47 -3.92
CA GLU B 164 -6.57 10.24 -2.93
C GLU B 164 -7.75 10.81 -3.70
N PRO B 165 -8.80 11.27 -3.01
CA PRO B 165 -8.95 11.17 -1.57
C PRO B 165 -9.96 10.11 -1.16
N VAL B 166 -9.96 9.86 0.14
CA VAL B 166 -10.99 9.07 0.81
C VAL B 166 -11.71 10.00 1.77
N THR B 167 -12.99 9.75 2.04
CA THR B 167 -13.71 10.50 3.06
C THR B 167 -14.13 9.57 4.18
N VAL B 168 -14.60 10.19 5.25
CA VAL B 168 -15.02 9.49 6.45
C VAL B 168 -16.20 10.19 7.11
N SER B 169 -17.04 9.40 7.77
CA SER B 169 -18.01 9.94 8.72
C SER B 169 -18.29 8.88 9.80
N TRP B 170 -19.14 9.22 10.77
CA TRP B 170 -19.50 8.29 11.83
C TRP B 170 -21.01 8.29 12.06
N ASN B 171 -21.59 7.11 12.23
CA ASN B 171 -23.03 6.97 12.43
C ASN B 171 -23.84 7.71 11.36
N SER B 172 -23.39 7.61 10.12
CA SER B 172 -23.99 8.32 8.98
C SER B 172 -24.07 9.84 9.19
N GLY B 173 -23.09 10.40 9.90
CA GLY B 173 -23.03 11.82 10.17
C GLY B 173 -23.65 12.33 11.48
N ALA B 174 -24.22 11.44 12.29
CA ALA B 174 -24.88 11.84 13.54
C ALA B 174 -23.86 12.14 14.63
N LEU B 175 -22.66 11.56 14.50
CA LEU B 175 -21.56 11.80 15.40
C LEU B 175 -20.48 12.63 14.70
N THR B 176 -20.46 13.92 15.01
CA THR B 176 -19.36 14.80 14.61
C THR B 176 -18.47 15.13 15.79
N SER B 177 -19.03 15.12 17.00
CA SER B 177 -18.33 15.55 18.21
C SER B 177 -17.12 14.68 18.57
N GLY B 178 -15.94 15.30 18.59
CA GLY B 178 -14.72 14.67 19.10
C GLY B 178 -13.95 13.90 18.06
N VAL B 179 -14.34 14.03 16.80
CA VAL B 179 -13.75 13.23 15.72
C VAL B 179 -12.44 13.85 15.22
N HIS B 180 -11.49 13.01 14.81
CA HIS B 180 -10.31 13.47 14.07
C HIS B 180 -9.96 12.52 12.92
N THR B 181 -10.25 12.92 11.69
CA THR B 181 -9.75 12.20 10.52
C THR B 181 -8.43 12.81 10.08
N PHE B 182 -7.34 12.09 10.31
CA PHE B 182 -6.01 12.63 10.09
C PHE B 182 -5.70 12.75 8.60
N PRO B 183 -4.78 13.63 8.22
CA PRO B 183 -4.25 13.65 6.85
C PRO B 183 -3.61 12.32 6.44
N ALA B 184 -3.78 11.96 5.17
CA ALA B 184 -3.28 10.68 4.68
C ALA B 184 -1.76 10.68 4.58
N VAL B 185 -1.18 9.52 4.83
CA VAL B 185 0.25 9.35 4.71
C VAL B 185 0.55 8.48 3.52
N LEU B 186 1.62 8.81 2.80
CA LEU B 186 2.10 7.93 1.74
C LEU B 186 2.99 6.84 2.34
N GLN B 187 2.52 5.61 2.25
CA GLN B 187 3.28 4.46 2.72
C GLN B 187 4.40 4.11 1.72
N SER B 188 5.35 3.29 2.15
CA SER B 188 6.46 2.89 1.29
C SER B 188 5.92 2.11 0.10
N SER B 189 4.74 1.52 0.29
CA SER B 189 4.11 0.67 -0.72
C SER B 189 3.62 1.45 -1.91
N GLY B 190 3.51 2.76 -1.76
CA GLY B 190 3.03 3.64 -2.81
C GLY B 190 1.55 3.91 -2.63
N LEU B 191 0.96 3.38 -1.55
CA LEU B 191 -0.46 3.53 -1.27
C LEU B 191 -0.69 4.37 -0.04
N TYR B 192 -1.72 5.20 -0.09
CA TYR B 192 -2.08 6.01 1.04
C TYR B 192 -2.77 5.20 2.13
N SER B 193 -2.68 5.71 3.35
CA SER B 193 -3.48 5.22 4.47
C SER B 193 -3.89 6.41 5.31
N LEU B 194 -4.90 6.22 6.16
CA LEU B 194 -5.29 7.22 7.16
C LEU B 194 -6.15 6.58 8.22
N SER B 195 -6.21 7.26 9.35
CA SER B 195 -7.02 6.82 10.47
C SER B 195 -8.05 7.90 10.79
N SER B 196 -9.11 7.50 11.46
CA SER B 196 -10.11 8.43 11.96
C SER B 196 -10.58 7.94 13.30
N VAL B 197 -10.46 8.78 14.31
CA VAL B 197 -10.70 8.38 15.69
C VAL B 197 -11.86 9.20 16.26
N VAL B 198 -12.24 8.92 17.50
CA VAL B 198 -13.31 9.67 18.13
C VAL B 198 -13.36 9.34 19.60
N THR B 199 -13.43 10.37 20.43
CA THR B 199 -13.52 10.18 21.86
C THR B 199 -14.99 10.13 22.29
N VAL B 200 -15.36 9.03 22.95
CA VAL B 200 -16.72 8.87 23.49
C VAL B 200 -16.70 8.41 24.95
N PRO B 201 -17.73 8.79 25.70
CA PRO B 201 -17.86 8.41 27.12
C PRO B 201 -17.63 6.91 27.38
N SER B 202 -16.83 6.59 28.39
CA SER B 202 -16.47 5.20 28.67
C SER B 202 -17.66 4.35 29.09
N SER B 203 -18.69 4.99 29.65
CA SER B 203 -19.91 4.32 30.10
C SER B 203 -20.78 3.74 28.97
N SER B 204 -20.67 4.32 27.77
CA SER B 204 -21.54 3.97 26.65
C SER B 204 -20.89 3.06 25.58
N LEU B 205 -19.77 2.44 25.91
CA LEU B 205 -19.14 1.48 25.02
C LEU B 205 -19.91 0.17 25.00
N GLY B 206 -20.29 -0.30 26.18
CA GLY B 206 -20.99 -1.57 26.33
C GLY B 206 -22.24 -1.75 25.49
N THR B 207 -22.94 -0.65 25.17
CA THR B 207 -24.22 -0.74 24.46
C THR B 207 -24.21 -0.13 23.05
N GLN B 208 -23.98 1.18 22.95
CA GLN B 208 -24.23 1.94 21.71
C GLN B 208 -23.27 1.52 20.58
N THR B 209 -23.84 1.31 19.39
CA THR B 209 -23.09 0.90 18.20
C THR B 209 -22.43 2.08 17.48
N TYR B 210 -21.13 1.97 17.23
CA TYR B 210 -20.36 3.02 16.54
C TYR B 210 -19.89 2.55 15.15
N ILE B 211 -20.30 3.30 14.12
CA ILE B 211 -20.10 2.90 12.74
C ILE B 211 -19.22 3.90 12.02
N CYS B 212 -18.31 3.42 11.19
CA CYS B 212 -17.29 4.25 10.55
C CYS B 212 -17.45 4.21 9.03
N ASN B 213 -18.12 5.21 8.48
CA ASN B 213 -18.46 5.26 7.04
C ASN B 213 -17.30 5.78 6.18
N VAL B 214 -16.71 4.92 5.36
CA VAL B 214 -15.58 5.31 4.52
C VAL B 214 -15.93 5.28 3.04
N ASN B 215 -15.73 6.42 2.35
CA ASN B 215 -15.99 6.52 0.91
C ASN B 215 -14.73 6.69 0.06
N HIS B 216 -14.62 5.91 -1.01
CA HIS B 216 -13.55 6.05 -2.00
C HIS B 216 -14.17 6.08 -3.40
N LYS B 217 -14.52 7.30 -3.80
CA LYS B 217 -15.09 7.61 -5.12
C LYS B 217 -14.26 7.09 -6.30
N PRO B 218 -12.93 7.20 -6.26
CA PRO B 218 -12.09 6.73 -7.36
C PRO B 218 -12.20 5.22 -7.68
N SER B 219 -12.76 4.44 -6.76
CA SER B 219 -12.90 3.00 -6.95
C SER B 219 -14.25 2.41 -6.54
N ASN B 220 -15.30 3.23 -6.47
CA ASN B 220 -16.65 2.71 -6.24
C ASN B 220 -16.67 1.84 -4.96
N THR B 221 -16.13 2.41 -3.88
CA THR B 221 -15.84 1.67 -2.66
C THR B 221 -16.53 2.34 -1.48
N LYS B 222 -17.57 1.71 -0.95
CA LYS B 222 -18.31 2.25 0.17
C LYS B 222 -18.32 1.20 1.27
N VAL B 223 -17.79 1.56 2.44
CA VAL B 223 -17.68 0.62 3.54
C VAL B 223 -18.28 1.19 4.81
N ASP B 224 -18.89 0.30 5.61
CA ASP B 224 -19.41 0.62 6.92
C ASP B 224 -18.83 -0.43 7.86
N LYS B 225 -18.02 0.01 8.82
CA LYS B 225 -17.40 -0.91 9.78
C LYS B 225 -17.77 -0.55 11.23
N LYS B 226 -18.42 -1.48 11.91
CA LYS B 226 -18.80 -1.30 13.30
C LYS B 226 -17.56 -1.51 14.16
N VAL B 227 -17.30 -0.59 15.07
CA VAL B 227 -16.12 -0.65 15.90
C VAL B 227 -16.49 -1.12 17.30
N GLU B 228 -16.02 -2.32 17.65
CA GLU B 228 -16.46 -2.99 18.88
C GLU B 228 -15.30 -3.35 19.82
N PRO B 229 -15.62 -3.57 21.10
CA PRO B 229 -14.62 -4.00 22.10
C PRO B 229 -14.16 -5.46 21.95
N LYS B 230 -12.86 -5.67 21.78
CA LYS B 230 -12.29 -7.01 21.63
C LYS B 230 -12.11 -7.68 22.99
N SER C 25 -25.03 -53.42 6.20
CA SER C 25 -24.47 -54.77 6.57
C SER C 25 -23.32 -55.17 5.66
N SER C 26 -23.49 -54.94 4.36
CA SER C 26 -22.44 -55.11 3.37
C SER C 26 -22.55 -54.11 2.23
N PRO C 27 -21.43 -53.55 1.77
CA PRO C 27 -21.47 -52.47 0.80
C PRO C 27 -22.19 -52.89 -0.46
N SER C 28 -23.20 -52.12 -0.85
CA SER C 28 -23.93 -52.36 -2.09
C SER C 28 -23.24 -51.60 -3.19
N GLU C 29 -22.81 -52.33 -4.22
CA GLU C 29 -22.11 -51.75 -5.37
C GLU C 29 -20.95 -50.84 -4.91
N GLY C 30 -20.20 -51.31 -3.92
CA GLY C 30 -19.02 -50.63 -3.46
C GLY C 30 -19.23 -49.45 -2.53
N LEU C 31 -20.47 -49.26 -2.07
CA LEU C 31 -20.76 -48.16 -1.14
C LEU C 31 -21.71 -48.54 -0.02
N CYS C 32 -21.61 -47.80 1.08
CA CYS C 32 -22.37 -48.05 2.29
C CYS C 32 -23.47 -47.02 2.38
N PRO C 33 -24.65 -47.47 2.79
CA PRO C 33 -25.81 -46.58 2.88
C PRO C 33 -25.61 -45.47 3.88
N PRO C 34 -26.33 -44.38 3.74
CA PRO C 34 -26.28 -43.32 4.73
C PRO C 34 -26.52 -43.85 6.14
N GLY C 35 -25.80 -43.27 7.09
CA GLY C 35 -25.91 -43.65 8.48
C GLY C 35 -24.87 -44.70 8.80
N HIS C 36 -24.00 -44.97 7.84
CA HIS C 36 -22.97 -45.97 8.05
C HIS C 36 -21.67 -45.55 7.44
N HIS C 37 -20.62 -46.22 7.87
CA HIS C 37 -19.34 -46.20 7.21
C HIS C 37 -18.98 -47.62 6.72
N ILE C 38 -17.92 -47.72 5.93
CA ILE C 38 -17.46 -49.00 5.42
C ILE C 38 -16.19 -49.35 6.16
N SER C 39 -15.75 -50.60 6.06
CA SER C 39 -14.43 -50.97 6.58
C SER C 39 -13.35 -50.66 5.53
N GLU C 40 -12.08 -50.63 5.91
CA GLU C 40 -11.04 -50.37 4.91
C GLU C 40 -10.99 -51.51 3.90
N ASP C 41 -11.29 -52.73 4.32
CA ASP C 41 -11.28 -53.86 3.39
C ASP C 41 -12.56 -53.99 2.55
N GLY C 42 -13.59 -53.23 2.91
CA GLY C 42 -14.75 -53.06 2.05
C GLY C 42 -15.70 -54.24 2.09
N ARG C 43 -15.71 -54.90 3.23
CA ARG C 43 -16.43 -56.15 3.39
C ARG C 43 -17.73 -55.92 4.12
N ASP C 44 -17.69 -54.91 4.98
CA ASP C 44 -18.73 -54.67 5.95
C ASP C 44 -19.13 -53.18 5.92
N CYS C 45 -20.43 -52.91 6.07
CA CYS C 45 -20.94 -51.59 6.40
C CYS C 45 -21.27 -51.61 7.87
N ILE C 46 -20.84 -50.57 8.57
CA ILE C 46 -20.93 -50.50 10.02
C ILE C 46 -21.65 -49.25 10.42
N SER C 47 -22.74 -49.39 11.18
CA SER C 47 -23.62 -48.27 11.47
C SER C 47 -23.01 -47.20 12.39
N CYS C 48 -23.41 -45.95 12.19
CA CYS C 48 -23.01 -44.86 13.05
C CYS C 48 -23.72 -45.10 14.37
N LYS C 49 -23.28 -44.45 15.45
CA LYS C 49 -23.90 -44.64 16.76
C LYS C 49 -24.72 -43.42 17.04
N TYR C 50 -25.97 -43.59 17.46
CA TYR C 50 -26.89 -42.45 17.52
C TYR C 50 -26.34 -41.31 18.39
N GLY C 51 -26.17 -40.15 17.76
CA GLY C 51 -25.96 -38.92 18.49
C GLY C 51 -24.57 -38.78 19.01
N GLN C 52 -23.65 -39.53 18.40
CA GLN C 52 -22.23 -39.35 18.62
C GLN C 52 -21.61 -39.02 17.29
N ASP C 53 -21.97 -39.75 16.23
CA ASP C 53 -21.48 -39.46 14.87
C ASP C 53 -22.53 -39.74 13.79
N TYR C 54 -22.26 -39.34 12.56
CA TYR C 54 -23.27 -39.39 11.50
C TYR C 54 -22.64 -39.58 10.13
N SER C 55 -23.41 -40.15 9.19
CA SER C 55 -23.10 -39.96 7.77
C SER C 55 -24.35 -39.69 6.93
N THR C 56 -24.29 -38.68 6.06
CA THR C 56 -25.43 -38.30 5.20
C THR C 56 -25.53 -39.04 3.87
N HIS C 57 -24.38 -39.33 3.27
CA HIS C 57 -24.35 -39.89 1.94
C HIS C 57 -24.09 -41.38 1.95
N TRP C 58 -24.38 -41.98 0.79
CA TRP C 58 -23.85 -43.27 0.45
C TRP C 58 -22.36 -43.02 0.32
N ASN C 59 -21.56 -43.80 1.03
CA ASN C 59 -20.14 -43.52 1.18
C ASN C 59 -19.29 -44.76 1.25
N ASP C 60 -17.99 -44.54 1.12
CA ASP C 60 -16.98 -45.52 1.48
C ASP C 60 -16.03 -44.86 2.46
N LEU C 61 -16.59 -44.09 3.39
CA LEU C 61 -15.83 -43.36 4.39
C LEU C 61 -15.41 -44.32 5.50
N LEU C 62 -14.22 -44.11 6.07
CA LEU C 62 -13.64 -45.04 7.05
C LEU C 62 -14.34 -45.05 8.37
N PHE C 63 -14.83 -43.86 8.75
CA PHE C 63 -15.74 -43.70 9.87
C PHE C 63 -16.64 -42.50 9.74
N CYS C 64 -17.72 -42.52 10.52
CA CYS C 64 -18.70 -41.43 10.54
C CYS C 64 -18.11 -40.12 11.08
N LEU C 65 -18.74 -39.00 10.73
CA LEU C 65 -18.24 -37.69 11.15
C LEU C 65 -18.81 -37.26 12.52
N ARG C 66 -18.02 -36.50 13.26
CA ARG C 66 -18.39 -36.19 14.61
C ARG C 66 -19.49 -35.13 14.64
N CYS C 67 -20.62 -35.48 15.28
CA CYS C 67 -21.70 -34.55 15.58
C CYS C 67 -21.14 -33.27 16.16
N THR C 68 -21.77 -32.15 15.83
CA THR C 68 -21.36 -30.84 16.35
C THR C 68 -22.06 -30.57 17.68
N ARG C 69 -21.28 -30.33 18.74
CA ARG C 69 -21.86 -29.99 20.02
C ARG C 69 -22.12 -28.49 20.02
N CYS C 70 -23.34 -28.09 20.39
CA CYS C 70 -23.76 -26.69 20.32
C CYS C 70 -23.06 -25.80 21.34
N ASP C 71 -22.78 -24.57 20.94
CA ASP C 71 -22.05 -23.64 21.78
C ASP C 71 -22.98 -23.00 22.82
N SER C 72 -22.39 -22.23 23.74
CA SER C 72 -23.13 -21.70 24.89
C SER C 72 -24.27 -20.74 24.52
N GLY C 73 -24.08 -19.96 23.45
CA GLY C 73 -25.11 -19.06 22.95
C GLY C 73 -25.84 -19.62 21.74
N GLU C 74 -26.19 -20.89 21.80
CA GLU C 74 -26.88 -21.57 20.70
C GLU C 74 -27.91 -22.54 21.31
N VAL C 75 -28.87 -22.99 20.51
CA VAL C 75 -29.87 -23.94 20.96
C VAL C 75 -29.96 -25.03 19.94
N GLU C 76 -29.99 -26.27 20.39
CA GLU C 76 -30.14 -27.37 19.46
C GLU C 76 -31.47 -27.20 18.74
N LEU C 77 -31.39 -26.81 17.48
CA LEU C 77 -32.56 -26.70 16.63
C LEU C 77 -33.08 -28.09 16.30
N SER C 78 -32.17 -28.95 15.84
CA SER C 78 -32.44 -30.37 15.64
C SER C 78 -31.31 -31.18 16.24
N PRO C 79 -31.61 -32.34 16.81
CA PRO C 79 -30.60 -33.21 17.38
C PRO C 79 -29.80 -33.89 16.30
N CYS C 80 -28.60 -34.33 16.64
CA CYS C 80 -27.81 -35.15 15.73
C CYS C 80 -28.34 -36.58 15.75
N THR C 81 -28.45 -37.18 14.57
CA THR C 81 -28.75 -38.60 14.48
C THR C 81 -27.69 -39.26 13.62
N THR C 82 -28.04 -40.44 13.10
CA THR C 82 -27.14 -41.23 12.28
C THR C 82 -26.99 -40.55 10.95
N THR C 83 -28.11 -40.12 10.35
CA THR C 83 -28.09 -39.63 8.96
C THR C 83 -28.09 -38.12 8.85
N ARG C 84 -27.85 -37.44 9.97
CA ARG C 84 -28.08 -36.01 10.07
C ARG C 84 -27.23 -35.37 11.19
N ASN C 85 -26.45 -34.36 10.83
CA ASN C 85 -25.64 -33.68 11.81
C ASN C 85 -26.51 -32.67 12.53
N THR C 86 -26.15 -32.35 13.76
CA THR C 86 -26.96 -31.43 14.56
C THR C 86 -27.03 -30.03 13.92
N VAL C 87 -28.18 -29.39 14.08
CA VAL C 87 -28.40 -28.04 13.60
C VAL C 87 -28.40 -27.10 14.79
N CYS C 88 -27.46 -26.15 14.80
CA CYS C 88 -27.33 -25.21 15.91
C CYS C 88 -27.88 -23.86 15.52
N GLN C 89 -28.45 -23.16 16.49
CA GLN C 89 -29.15 -21.92 16.24
C GLN C 89 -29.06 -20.99 17.45
N CYS C 90 -28.73 -19.72 17.25
CA CYS C 90 -28.70 -18.79 18.39
C CYS C 90 -30.09 -18.59 19.01
N GLU C 91 -30.13 -18.12 20.26
CA GLU C 91 -31.40 -17.85 20.93
C GLU C 91 -31.91 -16.46 20.52
N GLU C 92 -33.22 -16.25 20.63
CA GLU C 92 -33.87 -15.00 20.22
C GLU C 92 -33.24 -13.80 20.94
N GLY C 93 -33.14 -12.68 20.22
CA GLY C 93 -32.51 -11.48 20.75
C GLY C 93 -31.02 -11.46 20.49
N THR C 94 -30.52 -12.48 19.81
CA THR C 94 -29.12 -12.60 19.40
C THR C 94 -29.02 -13.31 18.05
N PHE C 95 -27.86 -13.23 17.40
CA PHE C 95 -27.66 -13.87 16.11
C PHE C 95 -26.29 -14.51 15.96
N ARG C 96 -25.76 -14.95 15.21
CA ARG C 96 -24.36 -15.32 14.97
C ARG C 96 -24.12 -15.24 13.48
N GLU C 97 -22.86 -15.20 13.09
CA GLU C 97 -22.49 -15.17 11.69
C GLU C 97 -21.10 -15.76 11.52
N GLU C 98 -20.65 -15.86 10.27
CA GLU C 98 -19.36 -16.47 9.93
C GLU C 98 -18.17 -16.05 10.82
N ASP C 99 -18.04 -14.74 11.07
CA ASP C 99 -16.95 -14.19 11.88
C ASP C 99 -17.20 -14.12 13.37
N SER C 100 -18.37 -14.60 13.78
CA SER C 100 -18.72 -14.62 15.19
C SER C 100 -19.42 -15.94 15.54
N PRO C 101 -18.75 -17.09 15.30
CA PRO C 101 -19.31 -18.40 15.59
C PRO C 101 -19.20 -18.82 17.06
N GLU C 102 -18.44 -18.05 17.82
CA GLU C 102 -18.15 -18.33 19.22
C GLU C 102 -19.18 -17.96 20.29
N MET C 103 -19.84 -16.83 20.07
CA MET C 103 -20.77 -16.30 21.03
C MET C 103 -21.89 -15.57 20.29
N CYS C 104 -22.32 -15.74 19.54
CA CYS C 104 -23.50 -14.94 19.20
C CYS C 104 -23.42 -13.57 19.84
N ARG C 105 -24.20 -12.63 19.29
CA ARG C 105 -24.20 -11.23 19.74
C ARG C 105 -25.61 -10.65 19.91
N LYS C 106 -25.79 -9.91 21.01
CA LYS C 106 -27.06 -9.23 21.34
C LYS C 106 -27.54 -8.38 20.17
N CYS C 107 -28.86 -8.18 20.06
CA CYS C 107 -29.44 -7.54 18.87
C CYS C 107 -29.63 -6.02 19.05
N ASP C 120 -35.31 -6.45 10.95
CA ASP C 120 -35.71 -7.31 12.07
C ASP C 120 -34.56 -8.23 12.51
N CYS C 121 -34.58 -8.61 13.79
CA CYS C 121 -33.56 -9.46 14.36
C CYS C 121 -33.88 -10.93 14.11
N THR C 122 -33.18 -11.53 13.15
CA THR C 122 -33.24 -12.96 12.92
C THR C 122 -32.04 -13.57 13.62
N PRO C 123 -32.05 -14.90 13.78
CA PRO C 123 -30.88 -15.60 14.32
C PRO C 123 -29.60 -15.54 13.45
N TRP C 124 -29.73 -15.08 12.20
CA TRP C 124 -28.58 -14.98 11.28
C TRP C 124 -28.14 -13.55 10.95
N SER C 125 -28.85 -12.54 11.48
CA SER C 125 -28.46 -11.14 11.24
C SER C 125 -29.04 -10.12 12.23
N ASP C 126 -28.40 -8.95 12.28
CA ASP C 126 -28.79 -7.86 13.17
C ASP C 126 -29.99 -7.10 12.63
N ILE C 127 -30.61 -6.28 13.46
CA ILE C 127 -31.74 -5.44 13.05
C ILE C 127 -31.39 -4.53 11.87
N ASP D 1 -12.46 -30.47 16.79
CA ASP D 1 -11.58 -30.43 15.57
C ASP D 1 -10.22 -31.05 15.86
N ILE D 2 -9.78 -31.98 15.01
CA ILE D 2 -8.57 -32.75 15.29
C ILE D 2 -7.35 -31.91 15.02
N GLN D 3 -6.37 -31.96 15.93
CA GLN D 3 -5.08 -31.28 15.79
C GLN D 3 -3.98 -32.35 15.89
N MET D 4 -3.08 -32.43 14.89
CA MET D 4 -1.87 -33.27 15.01
C MET D 4 -0.62 -32.50 15.45
N THR D 5 0.19 -33.16 16.27
CA THR D 5 1.37 -32.57 16.90
C THR D 5 2.66 -33.37 16.67
N GLN D 6 3.45 -32.95 15.70
CA GLN D 6 4.72 -33.59 15.39
C GLN D 6 5.78 -33.17 16.38
N SER D 7 6.75 -34.07 16.58
CA SER D 7 7.92 -33.86 17.41
C SER D 7 9.01 -34.74 16.82
N PRO D 8 10.16 -34.19 16.50
CA PRO D 8 10.49 -32.78 16.63
C PRO D 8 9.99 -31.85 15.50
N SER D 9 10.14 -30.55 15.72
CA SER D 9 9.93 -29.55 14.70
C SER D 9 10.99 -29.72 13.66
N SER D 10 12.18 -30.14 14.12
CA SER D 10 13.36 -30.46 13.29
C SER D 10 14.40 -31.30 14.01
N LEU D 11 15.05 -32.24 13.30
CA LEU D 11 16.21 -32.97 13.86
C LEU D 11 17.38 -33.11 12.90
N SER D 12 18.58 -33.12 13.46
CA SER D 12 19.83 -33.25 12.71
C SER D 12 20.38 -34.65 12.85
N ALA D 13 20.83 -35.23 11.76
CA ALA D 13 21.36 -36.58 11.80
C ALA D 13 22.35 -36.82 10.68
N SER D 14 23.33 -37.68 10.96
CA SER D 14 24.26 -38.10 9.93
C SER D 14 23.64 -39.28 9.22
N VAL D 15 24.30 -39.72 8.15
CA VAL D 15 23.85 -40.90 7.40
C VAL D 15 24.21 -42.14 8.19
N GLY D 16 23.28 -43.09 8.21
CA GLY D 16 23.36 -44.27 9.05
C GLY D 16 22.38 -44.19 10.22
N ASP D 17 22.11 -42.98 10.71
CA ASP D 17 21.46 -42.80 12.00
C ASP D 17 20.00 -43.20 11.99
N ARG D 18 19.55 -43.90 13.03
CA ARG D 18 18.14 -44.26 13.20
C ARG D 18 17.43 -43.00 13.58
N VAL D 19 16.22 -42.83 13.07
CA VAL D 19 15.48 -41.58 13.24
C VAL D 19 14.04 -41.89 13.55
N THR D 20 13.54 -41.29 14.61
CA THR D 20 12.14 -41.44 15.03
C THR D 20 11.53 -40.07 15.06
N ILE D 21 10.43 -39.89 14.36
CA ILE D 21 9.61 -38.69 14.46
C ILE D 21 8.27 -39.15 14.95
N THR D 22 7.86 -38.65 16.10
CA THR D 22 6.59 -39.06 16.69
C THR D 22 5.54 -37.98 16.47
N CYS D 23 4.27 -38.39 16.46
CA CYS D 23 3.14 -37.58 16.02
C CYS D 23 1.89 -37.91 16.82
N ARG D 24 1.28 -36.92 17.44
CA ARG D 24 0.23 -37.16 18.42
C ARG D 24 -1.06 -36.50 18.01
N ALA D 25 -2.11 -37.29 17.89
CA ALA D 25 -3.40 -36.79 17.45
C ALA D 25 -4.19 -36.34 18.64
N SER D 26 -4.93 -35.25 18.48
CA SER D 26 -5.65 -34.65 19.57
C SER D 26 -6.79 -35.56 20.01
N GLN D 27 -7.26 -36.39 19.11
CA GLN D 27 -8.36 -37.32 19.38
C GLN D 27 -7.98 -38.70 18.86
N ASP D 28 -8.73 -39.72 19.25
CA ASP D 28 -8.52 -41.05 18.72
C ASP D 28 -8.87 -41.08 17.24
N VAL D 29 -7.89 -41.43 16.41
CA VAL D 29 -8.06 -41.53 14.99
C VAL D 29 -7.72 -42.94 14.49
N ASN D 30 -8.18 -43.96 15.20
CA ASN D 30 -8.05 -45.33 14.74
C ASN D 30 -6.62 -45.49 14.28
N THR D 31 -6.44 -46.04 13.09
CA THR D 31 -5.15 -46.27 12.52
C THR D 31 -5.31 -45.61 11.19
N ALA D 32 -5.34 -44.30 11.24
CA ALA D 32 -5.86 -43.48 10.13
C ALA D 32 -4.96 -42.28 9.94
N VAL D 33 -3.67 -42.59 9.96
CA VAL D 33 -2.62 -41.60 9.92
C VAL D 33 -1.67 -41.94 8.79
N ALA D 34 -1.36 -40.93 7.98
CA ALA D 34 -0.51 -41.03 6.82
C ALA D 34 0.72 -40.20 7.04
N TRP D 35 1.78 -40.50 6.32
CA TRP D 35 3.04 -39.82 6.48
C TRP D 35 3.58 -39.45 5.12
N TYR D 36 3.94 -38.19 4.96
CA TYR D 36 4.42 -37.71 3.67
C TYR D 36 5.87 -37.22 3.74
N GLN D 37 6.57 -37.37 2.63
CA GLN D 37 7.88 -36.78 2.47
C GLN D 37 7.74 -35.57 1.58
N GLN D 38 8.52 -34.54 1.83
CA GLN D 38 8.53 -33.40 0.93
C GLN D 38 9.87 -32.70 0.92
N LYS D 39 10.28 -32.34 -0.28
CA LYS D 39 11.55 -31.66 -0.51
C LYS D 39 11.29 -30.34 -1.17
N PRO D 40 12.20 -29.40 -0.99
CA PRO D 40 12.08 -28.04 -1.53
C PRO D 40 11.61 -27.99 -2.97
N GLY D 41 10.52 -27.26 -3.21
CA GLY D 41 10.02 -27.04 -4.55
C GLY D 41 9.21 -28.18 -5.12
N LYS D 42 9.51 -29.37 -4.64
CA LYS D 42 8.80 -30.57 -5.04
C LYS D 42 7.54 -30.77 -4.19
N ALA D 43 6.62 -31.56 -4.72
CA ALA D 43 5.32 -31.79 -4.10
C ALA D 43 5.42 -32.99 -3.20
N PRO D 44 4.60 -33.01 -2.15
CA PRO D 44 4.58 -34.12 -1.20
C PRO D 44 4.56 -35.47 -1.90
N LYS D 45 5.20 -36.47 -1.29
CA LYS D 45 5.12 -37.87 -1.71
C LYS D 45 4.61 -38.64 -0.53
N LEU D 46 3.82 -39.69 -0.79
CA LEU D 46 3.31 -40.59 0.26
C LEU D 46 4.33 -41.69 0.57
N LEU D 47 4.48 -42.00 1.87
CA LEU D 47 5.43 -43.00 2.35
C LEU D 47 4.70 -44.12 3.01
N ILE D 48 4.02 -43.77 4.10
CA ILE D 48 3.24 -44.72 4.86
C ILE D 48 1.78 -44.30 4.82
N TYR D 49 0.90 -45.27 4.64
CA TYR D 49 -0.51 -45.00 4.71
C TYR D 49 -1.14 -45.94 5.71
N ALA D 50 -2.40 -45.68 6.07
CA ALA D 50 -3.12 -46.44 7.09
C ALA D 50 -2.44 -46.46 8.46
N ALA D 51 -1.15 -46.16 8.52
CA ALA D 51 -0.42 -45.81 9.75
C ALA D 51 0.82 -46.68 9.82
N SER D 52 0.65 -47.94 9.43
CA SER D 52 1.76 -48.88 9.38
C SER D 52 2.11 -49.38 7.98
N TYR D 53 1.24 -49.12 7.01
CA TYR D 53 1.31 -49.70 5.67
C TYR D 53 2.24 -48.87 4.74
N LEU D 54 3.14 -49.56 4.05
CA LEU D 54 4.21 -48.93 3.30
C LEU D 54 3.76 -48.76 1.87
N TYR D 55 3.95 -47.56 1.33
CA TYR D 55 3.36 -47.22 0.04
C TYR D 55 4.14 -47.83 -1.10
N SER D 56 3.47 -48.18 -2.18
CA SER D 56 4.16 -48.80 -3.28
C SER D 56 5.42 -48.05 -3.66
N GLY D 57 6.55 -48.74 -3.57
CA GLY D 57 7.82 -48.21 -4.03
C GLY D 57 8.69 -47.69 -2.91
N VAL D 58 8.05 -47.09 -1.91
CA VAL D 58 8.75 -46.56 -0.73
C VAL D 58 9.77 -47.55 -0.22
N PRO D 59 11.01 -47.08 -0.02
CA PRO D 59 12.10 -47.89 0.51
C PRO D 59 11.70 -48.53 1.80
N SER D 60 12.26 -49.69 2.15
CA SER D 60 11.81 -50.41 3.34
C SER D 60 12.34 -49.88 4.66
N ARG D 61 13.29 -48.94 4.59
CA ARG D 61 13.86 -48.35 5.81
C ARG D 61 12.83 -47.44 6.45
N PHE D 62 11.79 -47.06 5.68
CA PHE D 62 10.67 -46.29 6.20
C PHE D 62 9.62 -47.16 6.89
N SER D 63 9.24 -46.74 8.09
CA SER D 63 8.34 -47.55 8.91
C SER D 63 7.32 -46.70 9.65
N GLY D 64 6.05 -47.08 9.49
CA GLY D 64 4.96 -46.42 10.17
C GLY D 64 4.41 -47.37 11.19
N SER D 65 4.05 -46.88 12.37
CA SER D 65 4.01 -47.81 13.47
C SER D 65 3.29 -47.32 14.73
N GLY D 66 2.11 -46.72 14.54
CA GLY D 66 1.19 -46.44 15.64
C GLY D 66 -0.26 -46.96 15.49
N SER D 67 -1.14 -46.45 16.36
CA SER D 67 -2.62 -46.66 16.32
C SER D 67 -3.36 -46.12 17.56
N GLY D 68 -4.23 -45.15 17.31
CA GLY D 68 -5.00 -44.52 18.35
C GLY D 68 -4.64 -43.06 18.42
N THR D 69 -3.67 -42.72 19.26
CA THR D 69 -3.26 -41.34 19.44
C THR D 69 -1.78 -41.15 19.22
N ASP D 70 -0.93 -42.13 19.58
CA ASP D 70 0.51 -42.08 19.30
C ASP D 70 0.84 -42.72 17.99
N PHE D 71 1.65 -42.05 17.20
CA PHE D 71 2.03 -42.53 15.88
C PHE D 71 3.49 -42.16 15.65
N THR D 72 4.29 -43.08 15.12
CA THR D 72 5.72 -42.85 15.00
C THR D 72 6.30 -43.30 13.66
N LEU D 73 6.83 -42.33 12.90
CA LEU D 73 7.65 -42.60 11.70
C LEU D 73 9.09 -42.99 12.06
N THR D 74 9.59 -44.09 11.51
CA THR D 74 10.95 -44.54 11.81
C THR D 74 11.73 -44.81 10.53
N ILE D 75 12.72 -43.97 10.27
CA ILE D 75 13.71 -44.21 9.26
C ILE D 75 14.83 -44.97 9.94
N SER D 76 15.14 -46.17 9.47
CA SER D 76 16.03 -47.09 10.21
C SER D 76 17.54 -46.84 10.01
N SER D 77 17.93 -46.57 8.76
CA SER D 77 19.28 -46.13 8.42
C SER D 77 19.14 -44.93 7.49
N LEU D 78 19.22 -43.73 8.05
CA LEU D 78 18.96 -42.53 7.29
C LEU D 78 19.84 -42.49 6.07
N GLN D 79 19.27 -42.15 4.94
CA GLN D 79 20.00 -42.12 3.68
C GLN D 79 20.27 -40.76 3.06
N PRO D 80 21.23 -40.62 2.15
CA PRO D 80 21.50 -39.31 1.56
C PRO D 80 20.27 -38.71 0.91
N GLU D 81 19.38 -39.57 0.44
CA GLU D 81 18.19 -39.11 -0.23
C GLU D 81 17.01 -38.85 0.71
N ASP D 82 17.20 -38.94 2.03
CA ASP D 82 16.06 -38.89 2.98
C ASP D 82 15.97 -37.60 3.73
N PHE D 83 16.90 -36.69 3.48
CA PHE D 83 16.92 -35.47 4.24
C PHE D 83 15.85 -34.62 3.65
N ALA D 84 14.78 -34.46 4.40
CA ALA D 84 13.57 -33.82 3.92
C ALA D 84 12.71 -33.36 5.07
N THR D 85 11.65 -32.63 4.75
CA THR D 85 10.59 -32.38 5.71
C THR D 85 9.62 -33.55 5.64
N TYR D 86 9.00 -33.89 6.77
CA TYR D 86 8.06 -35.03 6.86
C TYR D 86 6.77 -34.58 7.54
N TYR D 87 5.62 -34.92 6.97
CA TYR D 87 4.34 -34.62 7.61
C TYR D 87 3.53 -35.86 7.98
N CYS D 88 3.08 -35.94 9.23
CA CYS D 88 1.99 -36.84 9.53
C CYS D 88 0.71 -36.10 9.15
N GLN D 89 -0.35 -36.84 8.85
CA GLN D 89 -1.65 -36.25 8.63
C GLN D 89 -2.71 -37.21 9.15
N SER D 90 -3.63 -36.69 9.95
CA SER D 90 -4.89 -37.37 10.15
C SER D 90 -5.61 -37.38 8.82
N SER D 91 -5.60 -38.50 8.11
CA SER D 91 -6.36 -38.60 6.85
C SER D 91 -7.89 -38.50 7.09
N SER D 92 -8.55 -39.63 7.12
CA SER D 92 -9.97 -39.73 6.86
C SER D 92 -11.03 -38.69 7.37
N SER D 93 -10.69 -37.66 8.17
CA SER D 93 -11.71 -37.01 9.01
C SER D 93 -11.94 -35.53 8.67
N PRO D 94 -11.23 -34.58 9.31
CA PRO D 94 -10.78 -33.36 8.64
C PRO D 94 -9.31 -33.54 8.39
N TYR D 95 -8.84 -33.33 7.18
CA TYR D 95 -7.60 -33.93 6.75
C TYR D 95 -6.41 -33.13 7.24
N THR D 96 -6.18 -33.21 8.55
CA THR D 96 -5.33 -32.29 9.28
C THR D 96 -3.89 -32.69 9.20
N PHE D 97 -3.04 -31.80 8.71
CA PHE D 97 -1.61 -32.05 8.66
C PHE D 97 -1.00 -31.64 9.97
N GLY D 98 0.12 -32.26 10.29
CA GLY D 98 0.96 -31.87 11.40
C GLY D 98 1.90 -30.78 10.91
N GLN D 99 2.53 -30.12 11.88
CA GLN D 99 3.28 -28.89 11.58
C GLN D 99 4.54 -29.18 10.80
N GLY D 100 4.90 -30.45 10.68
CA GLY D 100 6.02 -30.85 9.84
C GLY D 100 7.27 -31.01 10.67
N THR D 101 8.14 -31.91 10.23
CA THR D 101 9.41 -32.21 10.92
C THR D 101 10.55 -32.26 9.90
N LYS D 102 11.44 -31.27 9.95
CA LYS D 102 12.51 -31.13 8.96
C LYS D 102 13.76 -31.86 9.38
N VAL D 103 14.09 -32.96 8.70
CA VAL D 103 15.34 -33.66 8.93
C VAL D 103 16.45 -32.98 8.14
N GLU D 104 17.43 -32.45 8.86
CA GLU D 104 18.58 -31.76 8.30
C GLU D 104 19.77 -32.67 8.55
N ILE D 105 20.99 -32.23 8.23
CA ILE D 105 22.10 -33.16 8.13
C ILE D 105 23.26 -32.68 8.94
N LYS D 106 23.65 -33.47 9.92
CA LYS D 106 24.66 -33.07 10.87
C LYS D 106 26.02 -32.92 10.21
N ARG D 107 26.84 -32.03 10.77
CA ARG D 107 28.23 -31.88 10.37
C ARG D 107 29.07 -31.31 11.51
N THR D 108 30.25 -30.81 11.20
CA THR D 108 31.10 -30.16 12.20
C THR D 108 30.59 -28.76 12.47
N VAL D 109 31.05 -28.15 13.55
CA VAL D 109 30.80 -26.74 13.77
C VAL D 109 31.75 -26.00 12.83
N ALA D 110 31.37 -24.81 12.39
CA ALA D 110 32.21 -23.97 11.54
C ALA D 110 31.73 -22.53 11.63
N ALA D 111 32.62 -21.62 12.02
CA ALA D 111 32.26 -20.21 12.16
C ALA D 111 31.95 -19.55 10.81
N PRO D 112 31.06 -18.56 10.79
CA PRO D 112 30.73 -17.84 9.57
C PRO D 112 31.81 -16.87 9.18
N SER D 113 32.17 -16.82 7.90
CA SER D 113 33.03 -15.75 7.39
C SER D 113 32.14 -14.55 7.05
N VAL D 114 32.33 -13.45 7.78
CA VAL D 114 31.43 -12.29 7.75
C VAL D 114 31.93 -11.20 6.80
N PHE D 115 31.00 -10.62 6.04
CA PHE D 115 31.32 -9.53 5.11
C PHE D 115 30.25 -8.43 5.17
N ILE D 116 30.69 -7.17 5.08
CA ILE D 116 29.76 -6.04 5.07
C ILE D 116 29.80 -5.31 3.72
N PHE D 117 28.69 -4.70 3.37
CA PHE D 117 28.53 -4.05 2.08
C PHE D 117 27.93 -2.68 2.30
N PRO D 118 28.68 -1.62 2.00
CA PRO D 118 28.10 -0.28 1.96
C PRO D 118 27.19 -0.17 0.76
N PRO D 119 26.13 0.62 0.87
CA PRO D 119 25.14 0.73 -0.20
C PRO D 119 25.72 1.34 -1.46
N SER D 120 25.12 1.04 -2.60
CA SER D 120 25.55 1.61 -3.87
C SER D 120 25.26 3.10 -3.95
N ASP D 121 25.84 3.78 -4.93
CA ASP D 121 25.51 5.17 -5.16
C ASP D 121 24.21 5.29 -5.95
N GLU D 122 23.94 4.32 -6.82
CA GLU D 122 22.71 4.34 -7.63
C GLU D 122 21.46 4.27 -6.77
N GLN D 123 21.55 3.54 -5.66
CA GLN D 123 20.46 3.39 -4.71
C GLN D 123 20.27 4.65 -3.88
N LEU D 124 21.38 5.27 -3.48
CA LEU D 124 21.34 6.46 -2.64
C LEU D 124 20.54 7.59 -3.30
N LYS D 125 20.65 7.67 -4.63
CA LYS D 125 19.98 8.71 -5.41
C LYS D 125 18.47 8.52 -5.51
N SER D 126 18.01 7.27 -5.32
CA SER D 126 16.58 6.94 -5.28
C SER D 126 15.90 7.36 -3.98
N GLY D 127 16.70 7.63 -2.94
CA GLY D 127 16.19 8.06 -1.65
C GLY D 127 16.15 6.96 -0.60
N THR D 128 16.87 5.86 -0.86
CA THR D 128 16.95 4.71 0.05
C THR D 128 18.38 4.17 0.14
N ALA D 129 18.75 3.66 1.30
CA ALA D 129 20.08 3.08 1.51
C ALA D 129 19.94 1.72 2.16
N SER D 130 20.53 0.69 1.55
CA SER D 130 20.46 -0.68 2.07
C SER D 130 21.85 -1.22 2.37
N VAL D 131 22.07 -1.61 3.62
CA VAL D 131 23.37 -2.11 4.07
C VAL D 131 23.29 -3.61 4.31
N VAL D 132 24.20 -4.35 3.68
CA VAL D 132 24.08 -5.81 3.62
C VAL D 132 25.21 -6.51 4.37
N CYS D 133 24.84 -7.29 5.38
CA CYS D 133 25.75 -8.21 6.08
C CYS D 133 25.64 -9.60 5.43
N LEU D 134 26.77 -10.28 5.31
CA LEU D 134 26.79 -11.62 4.74
C LEU D 134 27.52 -12.54 5.71
N LEU D 135 26.77 -13.48 6.28
CA LEU D 135 27.35 -14.59 7.04
C LEU D 135 27.51 -15.78 6.10
N ASN D 136 28.72 -16.35 6.05
CA ASN D 136 29.03 -17.31 5.00
C ASN D 136 29.46 -18.69 5.51
N ASN D 137 28.77 -19.73 5.02
CA ASN D 137 29.17 -21.10 5.24
C ASN D 137 29.40 -21.36 6.71
N PHE D 138 28.33 -21.39 7.47
CA PHE D 138 28.40 -21.61 8.91
C PHE D 138 27.42 -22.68 9.36
N TYR D 139 27.85 -23.50 10.31
CA TYR D 139 26.98 -24.49 10.94
C TYR D 139 27.18 -24.41 12.48
N PRO D 140 26.13 -24.50 13.26
CA PRO D 140 24.75 -24.69 12.80
C PRO D 140 24.11 -23.43 12.22
N ARG D 141 22.80 -23.50 11.96
CA ARG D 141 22.03 -22.37 11.40
C ARG D 141 21.89 -21.21 12.40
N GLU D 142 21.84 -21.52 13.69
CA GLU D 142 21.57 -20.52 14.72
C GLU D 142 22.67 -19.46 14.71
N ALA D 143 22.30 -18.21 14.47
CA ALA D 143 23.25 -17.10 14.47
C ALA D 143 22.53 -15.80 14.77
N LYS D 144 23.17 -14.90 15.51
CA LYS D 144 22.53 -13.65 15.89
C LYS D 144 23.28 -12.46 15.29
N VAL D 145 22.59 -11.75 14.40
CA VAL D 145 23.15 -10.56 13.77
C VAL D 145 22.49 -9.33 14.40
N GLN D 146 23.27 -8.26 14.56
CA GLN D 146 22.85 -7.05 15.28
C GLN D 146 23.49 -5.79 14.71
N TRP D 147 22.65 -4.81 14.34
CA TRP D 147 23.11 -3.61 13.65
C TRP D 147 23.35 -2.44 14.62
N LYS D 148 24.60 -1.96 14.67
CA LYS D 148 24.99 -0.85 15.53
C LYS D 148 25.44 0.36 14.68
N VAL D 149 24.51 1.30 14.50
CA VAL D 149 24.80 2.56 13.84
C VAL D 149 25.26 3.55 14.90
N ASP D 150 26.50 4.02 14.79
CA ASP D 150 27.10 4.93 15.77
C ASP D 150 26.95 4.37 17.18
N ASN D 151 27.49 3.16 17.39
CA ASN D 151 27.47 2.52 18.71
C ASN D 151 26.06 2.37 19.33
N ALA D 152 25.01 2.49 18.51
CA ALA D 152 23.63 2.51 19.02
C ALA D 152 22.78 1.42 18.35
N LEU D 153 22.17 0.56 19.18
CA LEU D 153 21.42 -0.60 18.70
C LEU D 153 20.27 -0.25 17.77
N GLN D 154 20.10 -1.05 16.71
CA GLN D 154 19.02 -0.88 15.73
C GLN D 154 18.04 -2.04 15.83
N SER D 155 16.74 -1.73 15.85
CA SER D 155 15.73 -2.75 16.16
C SER D 155 14.94 -3.24 14.93
N GLY D 156 13.87 -2.53 14.57
CA GLY D 156 12.89 -3.05 13.62
C GLY D 156 13.04 -2.57 12.19
N ASN D 157 14.28 -2.46 11.74
CA ASN D 157 14.60 -1.96 10.42
C ASN D 157 15.57 -2.87 9.66
N SER D 158 15.57 -4.16 9.98
CA SER D 158 16.42 -5.15 9.30
C SER D 158 15.71 -6.49 9.10
N GLN D 159 16.04 -7.17 8.00
CA GLN D 159 15.42 -8.46 7.63
C GLN D 159 16.47 -9.50 7.24
N GLU D 160 16.32 -10.72 7.73
CA GLU D 160 17.28 -11.77 7.42
C GLU D 160 16.69 -12.74 6.37
N SER D 161 17.57 -13.26 5.50
CA SER D 161 17.26 -14.40 4.64
C SER D 161 18.34 -15.48 4.78
N VAL D 162 17.92 -16.74 4.88
CA VAL D 162 18.83 -17.88 5.02
C VAL D 162 18.60 -18.93 3.93
N THR D 163 19.70 -19.42 3.34
CA THR D 163 19.60 -20.44 2.30
C THR D 163 19.16 -21.75 2.91
N GLU D 164 18.60 -22.64 2.07
CA GLU D 164 18.47 -24.06 2.40
C GLU D 164 19.89 -24.58 2.66
N GLN D 165 20.01 -25.71 3.35
CA GLN D 165 21.32 -26.27 3.67
C GLN D 165 22.09 -26.59 2.39
N ASP D 166 23.42 -26.50 2.42
CA ASP D 166 24.21 -26.80 1.22
C ASP D 166 24.21 -28.29 0.87
N SER D 167 24.14 -28.57 -0.43
CA SER D 167 24.03 -29.94 -0.94
C SER D 167 25.37 -30.73 -0.97
N LYS D 168 26.43 -30.17 -0.38
CA LYS D 168 27.73 -30.87 -0.33
C LYS D 168 28.49 -30.71 1.01
N ASP D 169 28.57 -29.49 1.53
CA ASP D 169 29.30 -29.21 2.77
C ASP D 169 28.39 -28.82 3.94
N SER D 170 27.08 -28.86 3.70
CA SER D 170 26.08 -28.80 4.76
C SER D 170 26.22 -27.59 5.67
N THR D 171 26.44 -26.43 5.06
CA THR D 171 26.51 -25.16 5.79
C THR D 171 25.51 -24.16 5.29
N TYR D 172 25.09 -23.30 6.21
CA TYR D 172 24.11 -22.29 5.93
C TYR D 172 24.83 -21.04 5.53
N SER D 173 24.10 -20.15 4.87
CA SER D 173 24.51 -18.78 4.69
C SER D 173 23.34 -17.87 5.02
N LEU D 174 23.62 -16.74 5.65
CA LEU D 174 22.61 -15.79 6.07
C LEU D 174 22.93 -14.40 5.53
N SER D 175 21.88 -13.61 5.30
CA SER D 175 22.02 -12.22 4.84
C SER D 175 21.10 -11.28 5.63
N SER D 176 21.70 -10.46 6.50
CA SER D 176 20.93 -9.40 7.17
C SER D 176 21.01 -8.09 6.38
N THR D 177 19.87 -7.43 6.23
CA THR D 177 19.75 -6.31 5.31
C THR D 177 19.10 -5.09 6.00
N LEU D 178 19.97 -4.16 6.44
CA LEU D 178 19.56 -2.94 7.12
C LEU D 178 19.10 -1.86 6.16
N THR D 179 17.84 -1.44 6.27
CA THR D 179 17.21 -0.57 5.28
C THR D 179 16.73 0.79 5.88
N LEU D 180 17.53 1.81 5.58
CA LEU D 180 17.30 3.18 6.04
C LEU D 180 16.95 4.07 4.85
N SER D 181 16.43 5.25 5.15
CA SER D 181 16.20 6.28 4.13
C SER D 181 17.45 7.14 3.97
N LYS D 182 17.77 7.48 2.72
CA LYS D 182 19.00 8.22 2.38
C LYS D 182 19.45 9.25 3.43
N ALA D 183 18.50 10.01 3.98
CA ALA D 183 18.78 11.07 4.94
C ALA D 183 19.36 10.57 6.27
N ASP D 184 18.62 9.68 6.94
CA ASP D 184 19.06 9.11 8.22
C ASP D 184 20.40 8.34 8.09
N TYR D 185 20.64 7.80 6.89
CA TYR D 185 21.92 7.17 6.57
C TYR D 185 23.05 8.18 6.62
N GLU D 186 22.84 9.33 6.01
CA GLU D 186 23.86 10.39 5.94
C GLU D 186 24.02 11.16 7.27
N LYS D 187 23.17 10.86 8.25
CA LYS D 187 23.26 11.47 9.58
C LYS D 187 24.25 10.73 10.48
N HIS D 188 24.70 9.55 10.05
CA HIS D 188 25.54 8.68 10.86
C HIS D 188 26.78 8.16 10.10
N LYS D 189 27.88 7.95 10.84
CA LYS D 189 29.16 7.55 10.27
C LYS D 189 29.36 6.01 10.27
N VAL D 190 29.40 5.40 11.44
CA VAL D 190 29.77 3.99 11.59
C VAL D 190 28.62 3.02 11.37
N TYR D 191 28.74 2.17 10.35
CA TYR D 191 27.80 1.07 10.15
C TYR D 191 28.50 -0.26 10.36
N ALA D 192 27.84 -1.14 11.10
CA ALA D 192 28.43 -2.43 11.43
C ALA D 192 27.36 -3.50 11.66
N CYS D 193 27.72 -4.76 11.47
CA CYS D 193 26.90 -5.86 11.95
C CYS D 193 27.72 -6.71 12.90
N GLU D 194 27.07 -7.22 13.94
CA GLU D 194 27.71 -7.93 15.05
C GLU D 194 27.19 -9.37 15.11
N VAL D 195 27.87 -10.27 14.42
CA VAL D 195 27.49 -11.68 14.36
C VAL D 195 27.85 -12.37 15.67
N THR D 196 27.02 -13.33 16.07
CA THR D 196 27.23 -14.10 17.29
C THR D 196 26.95 -15.58 17.00
N HIS D 197 27.96 -16.41 17.16
CA HIS D 197 27.86 -17.81 16.78
C HIS D 197 28.54 -18.79 17.77
N GLN D 198 28.02 -20.02 17.81
CA GLN D 198 28.58 -21.09 18.65
C GLN D 198 30.06 -21.35 18.29
N GLY D 199 30.38 -21.27 17.00
CA GLY D 199 31.71 -21.53 16.50
C GLY D 199 32.70 -20.41 16.78
N LEU D 200 32.20 -19.18 16.90
CA LEU D 200 33.04 -18.02 17.23
C LEU D 200 33.24 -17.93 18.73
N SER D 201 34.50 -17.73 19.16
CA SER D 201 34.83 -17.61 20.58
C SER D 201 34.38 -16.25 21.12
N SER D 202 34.56 -15.20 20.33
CA SER D 202 34.06 -13.87 20.67
C SER D 202 33.47 -13.16 19.43
N PRO D 203 32.30 -12.52 19.57
CA PRO D 203 31.55 -11.99 18.42
C PRO D 203 32.36 -11.16 17.43
N VAL D 204 32.29 -11.53 16.15
CA VAL D 204 32.93 -10.79 15.07
C VAL D 204 32.13 -9.54 14.82
N THR D 205 32.82 -8.48 14.39
CA THR D 205 32.15 -7.30 13.86
C THR D 205 32.90 -6.83 12.60
N LYS D 206 32.13 -6.60 11.53
CA LYS D 206 32.67 -6.07 10.28
C LYS D 206 32.00 -4.73 10.00
N SER D 207 32.80 -3.68 9.86
CA SER D 207 32.29 -2.32 9.80
C SER D 207 33.03 -1.43 8.80
N PHE D 208 32.27 -0.65 8.04
CA PHE D 208 32.81 0.40 7.17
C PHE D 208 32.51 1.77 7.74
N ASN D 209 33.17 2.79 7.18
CA ASN D 209 32.87 4.19 7.51
C ASN D 209 32.40 4.93 6.24
N ARG D 210 31.09 5.12 6.11
CA ARG D 210 30.49 5.79 4.95
C ARG D 210 31.35 6.92 4.40
N GLY D 211 31.78 6.79 3.15
CA GLY D 211 32.57 7.82 2.50
C GLY D 211 34.07 7.54 2.47
N GLU D 212 34.43 6.30 2.10
CA GLU D 212 35.83 5.87 1.91
C GLU D 212 36.82 6.23 3.04
N CYS D 213 36.32 6.27 4.27
CA CYS D 213 37.13 6.68 5.42
C CYS D 213 37.89 5.49 6.03
N GLU E 1 1.12 -43.64 -17.28
CA GLU E 1 1.55 -42.80 -16.13
C GLU E 1 0.40 -41.92 -15.70
N VAL E 2 0.07 -41.95 -14.40
CA VAL E 2 -0.84 -40.99 -13.83
C VAL E 2 -0.09 -39.67 -13.70
N GLN E 3 -0.73 -38.57 -14.08
CA GLN E 3 -0.29 -37.24 -13.65
C GLN E 3 -1.41 -36.27 -13.52
N LEU E 4 -1.22 -35.29 -12.63
CA LEU E 4 -2.16 -34.21 -12.40
C LEU E 4 -1.42 -32.93 -12.75
N VAL E 5 -1.87 -32.28 -13.83
CA VAL E 5 -1.30 -31.01 -14.28
C VAL E 5 -2.24 -29.85 -13.99
N GLU E 6 -1.93 -29.10 -12.94
CA GLU E 6 -2.77 -28.00 -12.55
C GLU E 6 -2.35 -26.67 -13.15
N SER E 7 -3.26 -25.71 -13.07
CA SER E 7 -3.21 -24.45 -13.78
C SER E 7 -4.23 -23.49 -13.18
N GLY E 8 -4.08 -22.20 -13.46
CA GLY E 8 -5.02 -21.18 -13.02
C GLY E 8 -4.49 -20.22 -11.97
N GLY E 9 -3.34 -20.53 -11.39
CA GLY E 9 -2.69 -19.64 -10.46
C GLY E 9 -2.31 -18.29 -11.09
N GLY E 10 -2.10 -17.31 -10.24
CA GLY E 10 -1.68 -16.00 -10.69
C GLY E 10 -1.93 -14.89 -9.70
N LEU E 11 -1.73 -13.67 -10.19
CA LEU E 11 -1.85 -12.49 -9.36
C LEU E 11 -3.33 -12.10 -9.30
N VAL E 12 -3.82 -11.79 -8.11
CA VAL E 12 -5.17 -11.25 -7.94
C VAL E 12 -5.23 -10.18 -6.89
N GLN E 13 -6.14 -9.24 -7.11
CA GLN E 13 -6.44 -8.21 -6.15
C GLN E 13 -7.21 -8.85 -4.99
N PRO E 14 -6.92 -8.44 -3.76
CA PRO E 14 -7.75 -8.83 -2.62
C PRO E 14 -9.25 -8.68 -2.89
N GLY E 15 -10.03 -9.62 -2.37
CA GLY E 15 -11.45 -9.68 -2.59
C GLY E 15 -11.76 -10.14 -3.98
N GLY E 16 -10.88 -10.96 -4.56
CA GLY E 16 -10.93 -11.26 -5.98
C GLY E 16 -11.04 -12.74 -6.28
N SER E 17 -11.81 -13.05 -7.33
CA SER E 17 -12.03 -14.43 -7.75
C SER E 17 -10.79 -14.96 -8.45
N LEU E 18 -10.70 -16.28 -8.54
CA LEU E 18 -9.60 -16.93 -9.25
C LEU E 18 -9.90 -18.40 -9.29
N ARG E 19 -9.98 -18.98 -10.47
CA ARG E 19 -10.34 -20.40 -10.62
C ARG E 19 -9.12 -21.27 -10.87
N LEU E 20 -9.07 -22.42 -10.21
CA LEU E 20 -7.94 -23.34 -10.34
C LEU E 20 -8.35 -24.59 -11.13
N SER E 21 -7.39 -25.21 -11.80
CA SER E 21 -7.72 -26.27 -12.74
C SER E 21 -6.75 -27.40 -12.55
N CYS E 22 -7.29 -28.61 -12.37
CA CYS E 22 -6.49 -29.83 -12.10
C CYS E 22 -6.86 -30.89 -13.11
N ALA E 23 -6.06 -30.99 -14.17
CA ALA E 23 -6.39 -31.81 -15.33
C ALA E 23 -5.67 -33.16 -15.31
N ALA E 24 -6.45 -34.21 -15.04
CA ALA E 24 -5.93 -35.54 -14.75
C ALA E 24 -5.81 -36.37 -16.00
N SER E 25 -4.63 -36.90 -16.21
CA SER E 25 -4.36 -37.90 -17.23
C SER E 25 -3.86 -39.16 -16.53
N GLY E 26 -3.93 -40.28 -17.22
CA GLY E 26 -3.55 -41.57 -16.67
C GLY E 26 -4.67 -42.33 -16.00
N PHE E 27 -5.67 -41.62 -15.51
CA PHE E 27 -6.78 -42.29 -14.84
C PHE E 27 -8.08 -41.54 -14.95
N SER E 28 -9.11 -42.06 -14.30
CA SER E 28 -10.45 -41.51 -14.41
C SER E 28 -10.90 -41.02 -13.05
N ILE E 29 -10.77 -39.72 -12.85
CA ILE E 29 -11.31 -38.99 -11.70
C ILE E 29 -12.57 -39.56 -11.01
N TYR E 30 -13.49 -40.17 -11.77
CA TYR E 30 -14.82 -40.58 -11.27
C TYR E 30 -14.77 -41.42 -10.04
N SER E 31 -14.04 -42.52 -10.10
CA SER E 31 -14.04 -43.50 -9.01
C SER E 31 -13.19 -43.06 -7.86
N TYR E 32 -12.44 -41.98 -8.02
CA TYR E 32 -11.56 -41.48 -6.97
C TYR E 32 -12.10 -40.20 -6.38
N SER E 33 -11.30 -39.59 -5.51
CA SER E 33 -11.65 -38.36 -4.86
C SER E 33 -10.50 -37.37 -5.07
N ILE E 34 -10.80 -36.13 -5.43
CA ILE E 34 -9.74 -35.16 -5.71
C ILE E 34 -9.69 -34.04 -4.67
N HIS E 35 -8.56 -33.98 -3.98
CA HIS E 35 -8.37 -33.03 -2.90
C HIS E 35 -7.52 -31.89 -3.39
N TRP E 36 -7.83 -30.69 -2.90
CA TRP E 36 -6.98 -29.53 -3.03
C TRP E 36 -6.31 -29.31 -1.70
N VAL E 37 -5.01 -28.99 -1.75
CA VAL E 37 -4.21 -28.78 -0.57
C VAL E 37 -3.20 -27.70 -0.91
N ARG E 38 -3.11 -26.66 -0.08
CA ARG E 38 -2.26 -25.49 -0.34
C ARG E 38 -1.13 -25.35 0.66
N GLN E 39 -0.11 -24.58 0.31
CA GLN E 39 1.08 -24.41 1.15
C GLN E 39 1.69 -22.99 1.09
N ALA E 40 1.33 -22.14 2.04
CA ALA E 40 1.88 -20.79 2.13
C ALA E 40 3.41 -20.83 2.16
N PRO E 41 4.08 -19.84 1.58
CA PRO E 41 5.55 -19.84 1.46
C PRO E 41 6.30 -19.82 2.77
N GLY E 42 7.01 -20.92 3.06
CA GLY E 42 7.78 -21.07 4.30
C GLY E 42 6.99 -21.72 5.44
N LYS E 43 5.87 -22.35 5.10
CA LYS E 43 4.96 -22.96 6.06
C LYS E 43 4.54 -24.38 5.64
N GLY E 44 3.82 -25.05 6.53
CA GLY E 44 3.33 -26.40 6.26
C GLY E 44 2.16 -26.47 5.29
N LEU E 45 1.61 -27.66 5.11
CA LEU E 45 0.54 -27.87 4.15
C LEU E 45 -0.79 -27.78 4.88
N GLU E 46 -1.83 -27.38 4.16
CA GLU E 46 -3.18 -27.26 4.70
C GLU E 46 -4.18 -27.80 3.70
N TRP E 47 -5.04 -28.67 4.20
CA TRP E 47 -6.09 -29.24 3.38
C TRP E 47 -7.13 -28.16 3.25
N VAL E 48 -7.66 -28.02 2.07
CA VAL E 48 -8.57 -26.94 1.72
C VAL E 48 -9.94 -27.46 1.38
N ALA E 49 -9.98 -28.42 0.46
CA ALA E 49 -11.25 -28.97 -0.01
C ALA E 49 -11.07 -30.32 -0.70
N SER E 50 -12.18 -31.02 -0.90
CA SER E 50 -12.16 -32.33 -1.57
C SER E 50 -13.49 -32.67 -2.27
N ILE E 51 -13.44 -33.62 -3.19
CA ILE E 51 -14.61 -34.00 -3.98
C ILE E 51 -14.48 -35.42 -4.51
N SER E 52 -15.60 -36.15 -4.46
CA SER E 52 -15.64 -37.52 -4.94
C SER E 52 -16.83 -37.63 -5.85
N PRO E 53 -16.59 -37.52 -7.16
CA PRO E 53 -17.69 -37.59 -8.15
C PRO E 53 -18.56 -38.84 -8.02
N TYR E 54 -17.95 -39.99 -7.70
CA TYR E 54 -18.68 -41.23 -7.51
C TYR E 54 -19.86 -41.13 -6.57
N SER E 55 -19.76 -40.23 -5.60
CA SER E 55 -20.86 -40.00 -4.65
C SER E 55 -21.42 -38.57 -4.60
N GLY E 56 -20.84 -37.66 -5.38
CA GLY E 56 -21.28 -36.27 -5.38
C GLY E 56 -20.92 -35.44 -4.14
N TYR E 57 -20.21 -36.07 -3.18
CA TYR E 57 -19.90 -35.48 -1.87
C TYR E 57 -18.79 -34.49 -2.01
N THR E 58 -18.95 -33.31 -1.39
CA THR E 58 -17.86 -32.33 -1.26
C THR E 58 -17.57 -32.01 0.19
N SER E 59 -16.37 -31.54 0.47
CA SER E 59 -16.06 -31.01 1.79
C SER E 59 -14.98 -29.93 1.73
N TYR E 60 -15.05 -29.01 2.68
CA TYR E 60 -14.13 -27.89 2.73
C TYR E 60 -13.62 -27.68 4.15
N ALA E 61 -12.54 -26.92 4.23
CA ALA E 61 -11.98 -26.52 5.48
C ALA E 61 -12.78 -25.32 5.95
N ASP E 62 -12.85 -25.08 7.25
CA ASP E 62 -13.63 -23.95 7.73
C ASP E 62 -12.93 -22.65 7.35
N SER E 63 -11.62 -22.72 7.20
CA SER E 63 -10.82 -21.54 6.86
C SER E 63 -11.01 -21.11 5.41
N VAL E 64 -11.97 -21.74 4.73
CA VAL E 64 -12.23 -21.56 3.31
C VAL E 64 -13.72 -21.69 2.90
N LYS E 65 -14.55 -22.21 3.81
CA LYS E 65 -16.00 -22.36 3.57
C LYS E 65 -16.63 -21.08 3.04
N GLY E 66 -17.59 -21.25 2.13
CA GLY E 66 -18.38 -20.16 1.63
C GLY E 66 -17.66 -19.27 0.63
N ARG E 67 -16.40 -19.56 0.34
CA ARG E 67 -15.59 -18.77 -0.59
C ARG E 67 -15.07 -19.65 -1.70
N PHE E 68 -14.60 -20.81 -1.32
CA PHE E 68 -14.14 -21.78 -2.25
C PHE E 68 -15.26 -22.75 -2.58
N THR E 69 -15.31 -23.16 -3.84
CA THR E 69 -16.31 -24.09 -4.34
C THR E 69 -15.65 -25.07 -5.27
N ILE E 70 -15.64 -26.35 -4.90
CA ILE E 70 -14.97 -27.37 -5.66
C ILE E 70 -15.97 -28.05 -6.60
N SER E 71 -15.47 -28.53 -7.73
CA SER E 71 -16.28 -29.25 -8.71
C SER E 71 -15.41 -30.09 -9.65
N ALA E 72 -16.05 -30.83 -10.53
CA ALA E 72 -15.34 -31.70 -11.42
C ALA E 72 -16.24 -32.11 -12.58
N ASP E 73 -15.69 -32.12 -13.80
CA ASP E 73 -16.40 -32.60 -14.97
C ASP E 73 -15.74 -33.85 -15.48
N THR E 74 -16.40 -35.00 -15.32
CA THR E 74 -15.81 -36.30 -15.68
C THR E 74 -15.52 -36.38 -17.15
N SER E 75 -16.27 -35.64 -17.93
CA SER E 75 -16.09 -35.63 -19.36
C SER E 75 -14.78 -34.92 -19.74
N LYS E 76 -14.51 -33.77 -19.14
CA LYS E 76 -13.23 -33.10 -19.35
C LYS E 76 -12.14 -33.74 -18.46
N ASN E 77 -12.56 -34.65 -17.61
CA ASN E 77 -11.70 -35.31 -16.63
C ASN E 77 -10.75 -34.38 -15.92
N THR E 78 -11.28 -33.22 -15.60
CA THR E 78 -10.56 -32.20 -14.85
C THR E 78 -11.37 -31.93 -13.60
N ALA E 79 -10.71 -31.41 -12.57
CA ALA E 79 -11.40 -30.90 -11.40
C ALA E 79 -11.11 -29.41 -11.28
N TYR E 80 -11.91 -28.74 -10.49
CA TYR E 80 -11.85 -27.28 -10.42
C TYR E 80 -11.95 -26.76 -8.99
N LEU E 81 -11.48 -25.53 -8.76
CA LEU E 81 -11.51 -24.91 -7.43
C LEU E 81 -11.65 -23.38 -7.57
N GLN E 82 -12.90 -22.93 -7.62
CA GLN E 82 -13.26 -21.51 -7.73
C GLN E 82 -13.04 -20.77 -6.42
N MET E 83 -11.98 -19.98 -6.36
CA MET E 83 -11.65 -19.23 -5.16
C MET E 83 -12.19 -17.81 -5.29
N ASN E 84 -13.02 -17.41 -4.33
CA ASN E 84 -13.66 -16.10 -4.35
C ASN E 84 -13.28 -15.29 -3.13
N SER E 85 -13.63 -14.00 -3.15
CA SER E 85 -13.21 -13.02 -2.14
C SER E 85 -11.93 -13.46 -1.44
N LEU E 86 -10.86 -13.47 -2.23
CA LEU E 86 -9.57 -13.96 -1.76
C LEU E 86 -8.89 -12.97 -0.84
N ARG E 87 -8.23 -13.50 0.17
CA ARG E 87 -7.52 -12.68 1.13
C ARG E 87 -6.03 -12.76 0.86
N ALA E 88 -5.26 -11.92 1.53
CA ALA E 88 -3.81 -11.98 1.40
C ALA E 88 -3.27 -13.25 2.02
N GLU E 89 -3.94 -13.74 3.07
CA GLU E 89 -3.56 -15.00 3.69
C GLU E 89 -3.76 -16.15 2.76
N ASP E 90 -4.68 -16.05 1.80
CA ASP E 90 -4.90 -17.15 0.87
C ASP E 90 -3.73 -17.37 -0.07
N THR E 91 -2.73 -16.51 0.01
CA THR E 91 -1.53 -16.69 -0.78
C THR E 91 -0.81 -17.96 -0.40
N ALA E 92 -0.47 -18.75 -1.41
CA ALA E 92 0.19 -20.05 -1.25
C ALA E 92 0.31 -20.77 -2.58
N VAL E 93 1.00 -21.90 -2.57
CA VAL E 93 1.01 -22.78 -3.73
C VAL E 93 -0.10 -23.77 -3.46
N TYR E 94 -0.97 -23.97 -4.43
CA TYR E 94 -2.08 -24.90 -4.26
C TYR E 94 -1.72 -26.16 -5.03
N TYR E 95 -1.61 -27.27 -4.30
CA TYR E 95 -1.54 -28.61 -4.89
C TYR E 95 -2.93 -29.16 -5.06
N CYS E 96 -3.11 -29.96 -6.11
CA CYS E 96 -4.27 -30.85 -6.21
C CYS E 96 -3.79 -32.29 -6.21
N SER E 97 -4.63 -33.20 -5.74
CA SER E 97 -4.16 -34.52 -5.36
C SER E 97 -5.23 -35.58 -5.52
N ARG E 98 -4.79 -36.80 -5.79
CA ARG E 98 -5.68 -37.94 -5.92
C ARG E 98 -5.74 -38.66 -4.58
N TYR E 99 -6.95 -38.99 -4.15
CA TYR E 99 -7.17 -39.69 -2.89
C TYR E 99 -7.86 -41.04 -3.16
N SER E 100 -7.16 -42.13 -2.89
CA SER E 100 -7.70 -43.46 -3.09
C SER E 100 -8.72 -43.89 -2.03
N SER E 101 -9.97 -44.19 -2.41
CA SER E 101 -11.02 -44.59 -1.45
C SER E 101 -11.11 -46.09 -1.52
N TYR E 102 -12.28 -46.69 -1.34
CA TYR E 102 -12.46 -48.10 -1.65
C TYR E 102 -13.26 -48.32 -2.91
N TYR E 103 -14.07 -47.36 -3.29
CA TYR E 103 -14.87 -47.47 -4.48
C TYR E 103 -13.85 -47.52 -5.59
N SER E 104 -12.80 -46.73 -5.42
CA SER E 104 -11.64 -46.82 -6.30
C SER E 104 -11.30 -48.27 -6.66
N TYR E 105 -11.48 -49.20 -5.72
CA TYR E 105 -11.44 -50.61 -6.02
C TYR E 105 -12.68 -51.10 -6.77
N TYR E 106 -13.87 -51.02 -6.17
CA TYR E 106 -15.00 -51.74 -6.74
C TYR E 106 -15.24 -51.30 -8.17
N TYR E 107 -14.90 -50.05 -8.49
CA TYR E 107 -15.05 -49.56 -9.85
C TYR E 107 -13.96 -50.07 -10.78
N SER E 108 -12.70 -49.79 -10.48
CA SER E 108 -11.59 -50.01 -11.42
C SER E 108 -10.48 -51.02 -11.05
N SER E 109 -10.38 -51.39 -9.78
CA SER E 109 -9.25 -52.16 -9.24
C SER E 109 -8.02 -51.30 -9.23
N SER E 110 -8.08 -50.17 -8.56
CA SER E 110 -6.84 -49.51 -8.15
C SER E 110 -6.55 -50.16 -6.84
N SER E 111 -5.30 -50.10 -6.45
CA SER E 111 -5.02 -50.29 -5.06
C SER E 111 -5.44 -48.96 -4.45
N TYR E 112 -5.91 -49.00 -3.22
CA TYR E 112 -6.23 -47.77 -2.53
C TYR E 112 -5.27 -47.63 -1.39
N SER E 113 -5.07 -46.37 -1.05
CA SER E 113 -4.16 -46.02 0.01
C SER E 113 -4.92 -45.38 1.14
N TYR E 114 -6.21 -45.17 0.93
CA TYR E 114 -6.99 -44.19 1.71
C TYR E 114 -6.19 -42.94 2.09
N ALA E 115 -5.46 -42.35 1.16
CA ALA E 115 -4.75 -41.11 1.44
C ALA E 115 -4.45 -40.40 0.11
N MET E 116 -3.79 -39.26 0.15
CA MET E 116 -3.41 -38.62 -1.10
C MET E 116 -2.18 -39.31 -1.67
N ASP E 117 -2.38 -40.14 -2.70
CA ASP E 117 -1.26 -40.92 -3.25
C ASP E 117 -0.55 -40.38 -4.50
N TYR E 118 -1.21 -39.46 -5.21
CA TYR E 118 -0.63 -38.74 -6.36
C TYR E 118 -0.89 -37.26 -6.26
N TRP E 119 0.18 -36.45 -6.29
CA TRP E 119 0.10 -34.99 -6.18
C TRP E 119 0.57 -34.29 -7.45
N GLY E 120 -0.14 -33.25 -7.85
CA GLY E 120 0.30 -32.41 -8.94
C GLY E 120 1.46 -31.48 -8.58
N GLN E 121 1.97 -30.76 -9.56
CA GLN E 121 3.18 -29.93 -9.40
C GLN E 121 2.89 -28.58 -8.77
N GLY E 122 1.61 -28.22 -8.70
CA GLY E 122 1.16 -27.00 -8.04
C GLY E 122 1.33 -25.69 -8.81
N THR E 123 0.36 -24.78 -8.66
CA THR E 123 0.51 -23.41 -9.16
C THR E 123 0.48 -22.43 -8.03
N LEU E 124 1.11 -21.29 -8.25
CA LEU E 124 1.19 -20.24 -7.28
C LEU E 124 0.02 -19.28 -7.47
N VAL E 125 -0.72 -19.05 -6.39
CA VAL E 125 -1.74 -18.03 -6.34
C VAL E 125 -1.25 -16.97 -5.37
N THR E 126 -0.87 -15.79 -5.87
CA THR E 126 -0.42 -14.72 -4.98
C THR E 126 -1.45 -13.57 -4.94
N VAL E 127 -2.00 -13.35 -3.76
CA VAL E 127 -3.03 -12.34 -3.49
C VAL E 127 -2.40 -11.14 -2.82
N SER E 128 -2.33 -10.03 -3.53
CA SER E 128 -1.70 -8.83 -3.03
C SER E 128 -2.03 -7.68 -3.96
N SER E 129 -2.37 -6.54 -3.37
CA SER E 129 -2.73 -5.40 -4.18
C SER E 129 -1.55 -4.81 -5.00
N ALA E 130 -0.32 -5.25 -4.72
CA ALA E 130 0.87 -4.73 -5.40
C ALA E 130 0.89 -4.99 -6.92
N SER E 131 1.19 -3.96 -7.71
CA SER E 131 1.22 -4.11 -9.17
C SER E 131 2.60 -4.58 -9.63
N THR E 132 2.64 -5.19 -10.81
CA THR E 132 3.77 -6.00 -11.26
C THR E 132 4.98 -5.20 -11.76
N LYS E 133 6.04 -5.18 -10.96
CA LYS E 133 7.18 -4.30 -11.17
C LYS E 133 8.48 -5.07 -11.44
N GLY E 134 9.40 -4.47 -12.18
CA GLY E 134 10.72 -5.04 -12.38
C GLY E 134 11.64 -4.72 -11.22
N PRO E 135 12.82 -5.36 -11.16
CA PRO E 135 13.86 -5.00 -10.17
C PRO E 135 14.88 -3.94 -10.62
N SER E 136 15.42 -3.23 -9.63
CA SER E 136 16.68 -2.50 -9.79
C SER E 136 17.74 -3.47 -9.35
N VAL E 137 18.98 -3.27 -9.83
CA VAL E 137 20.08 -4.19 -9.51
C VAL E 137 21.34 -3.43 -9.10
N PHE E 138 21.72 -3.54 -7.82
CA PHE E 138 22.84 -2.78 -7.28
C PHE E 138 24.06 -3.65 -7.02
N PRO E 139 25.26 -3.10 -7.18
CA PRO E 139 26.48 -3.85 -6.90
C PRO E 139 26.83 -3.89 -5.40
N LEU E 140 26.91 -5.10 -4.85
CA LEU E 140 27.56 -5.31 -3.57
C LEU E 140 29.06 -5.41 -3.83
N ALA E 141 29.75 -4.27 -3.72
CA ALA E 141 31.17 -4.20 -4.06
C ALA E 141 32.05 -4.93 -3.05
N PRO E 142 33.12 -5.56 -3.52
CA PRO E 142 34.05 -6.28 -2.64
C PRO E 142 34.93 -5.36 -1.78
N SER E 143 35.53 -5.95 -0.74
CA SER E 143 36.43 -5.23 0.18
C SER E 143 35.77 -3.97 0.74
N GLY E 150 43.52 -16.67 0.73
CA GLY E 150 42.76 -15.44 0.90
C GLY E 150 41.40 -15.52 0.23
N THR E 151 40.46 -14.71 0.73
CA THR E 151 39.09 -14.69 0.27
C THR E 151 38.51 -13.27 0.26
N ALA E 152 37.60 -12.99 -0.68
CA ALA E 152 36.94 -11.67 -0.77
C ALA E 152 35.56 -11.77 -1.43
N ALA E 153 34.53 -11.27 -0.73
CA ALA E 153 33.13 -11.46 -1.15
C ALA E 153 32.56 -10.27 -1.92
N LEU E 154 31.77 -10.57 -2.94
CA LEU E 154 30.98 -9.57 -3.65
C LEU E 154 29.67 -10.15 -4.16
N GLY E 155 28.78 -9.29 -4.65
CA GLY E 155 27.44 -9.71 -5.01
C GLY E 155 26.60 -8.66 -5.75
N CYS E 156 25.29 -8.81 -5.66
CA CYS E 156 24.37 -7.79 -6.14
C CYS E 156 23.02 -7.85 -5.39
N LEU E 157 22.45 -6.67 -5.15
CA LEU E 157 21.22 -6.50 -4.39
C LEU E 157 20.02 -6.26 -5.32
N VAL E 158 19.28 -7.32 -5.62
CA VAL E 158 18.07 -7.23 -6.46
C VAL E 158 16.93 -6.81 -5.57
N LYS E 159 16.57 -5.53 -5.63
CA LYS E 159 15.58 -4.95 -4.74
C LYS E 159 14.30 -4.58 -5.48
N ASP E 160 13.21 -4.44 -4.71
CA ASP E 160 11.95 -3.84 -5.16
C ASP E 160 11.37 -4.43 -6.46
N TYR E 161 10.79 -5.62 -6.35
CA TYR E 161 10.22 -6.32 -7.50
C TYR E 161 9.01 -7.20 -7.14
N PHE E 162 8.05 -7.32 -8.06
CA PHE E 162 6.82 -8.06 -7.80
C PHE E 162 6.17 -8.57 -9.10
N PRO E 163 5.57 -9.77 -9.09
CA PRO E 163 5.58 -10.71 -7.96
C PRO E 163 6.81 -11.60 -8.04
N GLU E 164 6.83 -12.67 -7.26
CA GLU E 164 7.87 -13.68 -7.41
C GLU E 164 7.47 -14.57 -8.60
N PRO E 165 8.43 -15.21 -9.29
CA PRO E 165 9.85 -15.28 -8.91
C PRO E 165 10.84 -14.41 -9.70
N VAL E 166 12.09 -14.38 -9.22
CA VAL E 166 13.25 -13.87 -9.98
C VAL E 166 14.32 -14.99 -10.07
N THR E 167 15.09 -15.04 -11.16
CA THR E 167 16.24 -15.96 -11.29
C THR E 167 17.56 -15.18 -11.37
N VAL E 168 18.63 -15.77 -10.84
CA VAL E 168 19.94 -15.10 -10.85
C VAL E 168 21.05 -16.08 -11.15
N SER E 169 21.94 -15.69 -12.06
CA SER E 169 23.18 -16.41 -12.32
C SER E 169 24.38 -15.45 -12.23
N TRP E 170 25.59 -16.00 -12.23
CA TRP E 170 26.82 -15.21 -12.34
C TRP E 170 27.59 -15.64 -13.60
N ASN E 171 28.07 -14.66 -14.36
CA ASN E 171 28.73 -14.90 -15.65
C ASN E 171 27.91 -15.81 -16.60
N SER E 172 26.58 -15.74 -16.48
CA SER E 172 25.64 -16.42 -17.37
C SER E 172 25.42 -17.91 -17.07
N GLY E 173 25.85 -18.34 -15.88
CA GLY E 173 25.83 -19.75 -15.50
C GLY E 173 27.19 -20.43 -15.48
N ALA E 174 28.24 -19.76 -15.99
CA ALA E 174 29.60 -20.31 -16.02
C ALA E 174 30.28 -20.33 -14.66
N LEU E 175 29.79 -19.48 -13.74
CA LEU E 175 30.24 -19.43 -12.34
C LEU E 175 29.13 -19.98 -11.45
N THR E 176 29.43 -21.05 -10.72
CA THR E 176 28.48 -21.72 -9.83
C THR E 176 29.05 -21.99 -8.43
N SER E 177 30.34 -22.34 -8.37
CA SER E 177 31.04 -22.60 -7.10
C SER E 177 31.07 -21.40 -6.17
N GLY E 178 30.44 -21.53 -5.00
CA GLY E 178 30.42 -20.50 -3.99
C GLY E 178 29.30 -19.48 -4.15
N VAL E 179 28.27 -19.85 -4.90
CA VAL E 179 27.20 -18.94 -5.24
C VAL E 179 25.95 -19.25 -4.42
N HIS E 180 25.55 -18.29 -3.57
CA HIS E 180 24.31 -18.37 -2.79
C HIS E 180 23.33 -17.30 -3.28
N THR E 181 22.29 -17.73 -3.98
CA THR E 181 21.20 -16.85 -4.32
C THR E 181 20.10 -17.04 -3.28
N PHE E 182 20.05 -16.13 -2.32
CA PHE E 182 19.18 -16.26 -1.16
C PHE E 182 17.70 -16.35 -1.58
N PRO E 183 16.85 -16.87 -0.69
CA PRO E 183 15.41 -16.74 -0.89
C PRO E 183 14.98 -15.30 -0.73
N ALA E 184 13.90 -14.97 -1.44
CA ALA E 184 13.39 -13.62 -1.41
C ALA E 184 12.82 -13.27 -0.05
N VAL E 185 12.59 -11.97 0.15
CA VAL E 185 12.07 -11.43 1.38
C VAL E 185 11.03 -10.36 1.09
N LEU E 186 9.85 -10.53 1.67
CA LEU E 186 8.74 -9.64 1.39
C LEU E 186 8.88 -8.35 2.18
N GLN E 187 9.31 -7.28 1.52
CA GLN E 187 9.54 -5.97 2.16
C GLN E 187 8.24 -5.27 2.58
N SER E 188 8.35 -4.21 3.38
CA SER E 188 7.17 -3.50 3.88
C SER E 188 6.35 -2.87 2.74
N SER E 189 7.07 -2.48 1.69
CA SER E 189 6.47 -2.01 0.44
C SER E 189 5.55 -3.03 -0.23
N GLY E 190 5.70 -4.30 0.13
CA GLY E 190 4.94 -5.36 -0.50
C GLY E 190 5.62 -5.84 -1.77
N LEU E 191 6.86 -5.39 -1.96
CA LEU E 191 7.72 -5.86 -3.04
C LEU E 191 8.75 -6.83 -2.50
N TYR E 192 9.18 -7.74 -3.35
CA TYR E 192 10.25 -8.66 -3.01
C TYR E 192 11.63 -8.06 -3.21
N SER E 193 12.61 -8.74 -2.64
CA SER E 193 13.99 -8.32 -2.72
C SER E 193 14.89 -9.48 -2.24
N LEU E 194 16.05 -9.61 -2.86
CA LEU E 194 16.98 -10.67 -2.52
C LEU E 194 18.42 -10.26 -2.82
N SER E 195 19.34 -10.98 -2.24
CA SER E 195 20.76 -10.81 -2.55
C SER E 195 21.29 -12.08 -3.20
N SER E 196 22.35 -11.93 -3.97
CA SER E 196 23.10 -13.06 -4.51
C SER E 196 24.57 -12.73 -4.35
N VAL E 197 25.29 -13.54 -3.59
CA VAL E 197 26.70 -13.32 -3.35
C VAL E 197 27.52 -14.49 -3.87
N VAL E 198 28.82 -14.26 -4.05
CA VAL E 198 29.77 -15.29 -4.46
C VAL E 198 31.15 -15.03 -3.85
N THR E 199 31.63 -16.01 -3.08
CA THR E 199 32.98 -15.98 -2.58
C THR E 199 33.93 -16.32 -3.74
N VAL E 200 35.00 -15.53 -3.89
CA VAL E 200 36.04 -15.77 -4.92
C VAL E 200 37.44 -15.58 -4.34
N PRO E 201 38.46 -16.11 -5.02
CA PRO E 201 39.85 -15.79 -4.69
C PRO E 201 40.12 -14.28 -4.73
N SER E 202 40.90 -13.78 -3.77
CA SER E 202 41.15 -12.35 -3.63
C SER E 202 42.06 -11.80 -4.72
N SER E 203 42.91 -12.66 -5.29
CA SER E 203 43.82 -12.25 -6.36
C SER E 203 43.10 -12.12 -7.72
N SER E 204 41.91 -12.72 -7.83
CA SER E 204 41.11 -12.62 -9.05
C SER E 204 40.29 -11.33 -9.18
N LEU E 205 40.21 -10.53 -8.11
CA LEU E 205 39.38 -9.32 -8.10
C LEU E 205 39.69 -8.34 -9.24
N GLY E 206 40.96 -8.10 -9.50
CA GLY E 206 41.39 -7.02 -10.38
C GLY E 206 41.24 -7.24 -11.88
N THR E 207 41.29 -8.49 -12.34
CA THR E 207 41.36 -8.78 -13.78
C THR E 207 40.23 -9.68 -14.32
N GLN E 208 39.50 -10.34 -13.42
CA GLN E 208 38.32 -11.14 -13.77
C GLN E 208 37.08 -10.28 -13.55
N THR E 209 36.18 -10.28 -14.52
CA THR E 209 34.96 -9.47 -14.45
C THR E 209 33.75 -10.32 -14.03
N TYR E 210 33.16 -9.96 -12.89
CA TYR E 210 32.08 -10.72 -12.25
C TYR E 210 30.75 -10.01 -12.49
N ILE E 211 29.81 -10.68 -13.16
CA ILE E 211 28.56 -10.05 -13.57
C ILE E 211 27.33 -10.85 -13.10
N CYS E 212 26.29 -10.13 -12.70
CA CYS E 212 25.11 -10.69 -12.05
C CYS E 212 23.92 -10.59 -13.03
N ASN E 213 23.58 -11.71 -13.67
CA ASN E 213 22.59 -11.73 -14.74
C ASN E 213 21.21 -12.14 -14.27
N VAL E 214 20.40 -11.14 -13.92
CA VAL E 214 19.08 -11.33 -13.31
C VAL E 214 17.99 -11.40 -14.38
N ASN E 215 16.86 -12.04 -14.07
CA ASN E 215 15.81 -12.31 -15.07
C ASN E 215 14.39 -12.44 -14.49
N HIS E 216 13.67 -11.32 -14.47
CA HIS E 216 12.27 -11.27 -14.05
C HIS E 216 11.42 -11.66 -15.25
N LYS E 217 10.56 -12.67 -15.08
CA LYS E 217 9.73 -13.16 -16.18
C LYS E 217 8.40 -12.40 -16.38
N PRO E 218 7.63 -12.17 -15.32
CA PRO E 218 6.36 -11.41 -15.42
C PRO E 218 6.45 -9.94 -15.92
N SER E 219 7.60 -9.30 -15.74
CA SER E 219 7.81 -7.89 -16.11
C SER E 219 8.67 -7.68 -17.37
N ASN E 220 9.09 -8.78 -17.99
CA ASN E 220 9.95 -8.75 -19.18
C ASN E 220 11.33 -8.10 -18.94
N THR E 221 11.83 -8.16 -17.71
CA THR E 221 13.07 -7.47 -17.34
C THR E 221 14.32 -8.35 -17.42
N LYS E 222 15.31 -7.89 -18.18
CA LYS E 222 16.65 -8.48 -18.22
C LYS E 222 17.68 -7.43 -17.78
N VAL E 223 18.52 -7.80 -16.81
CA VAL E 223 19.63 -6.96 -16.35
C VAL E 223 20.94 -7.76 -16.28
N ASP E 224 22.02 -7.14 -16.75
CA ASP E 224 23.38 -7.62 -16.51
C ASP E 224 24.12 -6.46 -15.86
N LYS E 225 24.61 -6.65 -14.63
CA LYS E 225 25.33 -5.59 -13.93
C LYS E 225 26.75 -6.03 -13.56
N LYS E 226 27.73 -5.18 -13.88
CA LYS E 226 29.12 -5.43 -13.50
C LYS E 226 29.36 -4.97 -12.06
N VAL E 227 30.06 -5.80 -11.29
CA VAL E 227 30.44 -5.44 -9.93
C VAL E 227 31.94 -5.21 -9.85
N GLU E 228 32.33 -3.92 -9.85
CA GLU E 228 33.72 -3.53 -9.69
C GLU E 228 34.06 -3.42 -8.21
N PRO E 229 35.35 -3.39 -7.87
CA PRO E 229 35.79 -2.87 -6.56
C PRO E 229 35.66 -1.35 -6.54
N LYS E 230 35.04 -0.80 -5.49
CA LYS E 230 34.83 0.64 -5.38
C LYS E 230 36.15 1.37 -5.11
N SER F 25 -12.33 57.55 -25.25
CA SER F 25 -12.64 58.49 -24.13
C SER F 25 -13.74 57.91 -23.23
N SER F 26 -14.87 57.57 -23.85
CA SER F 26 -15.97 56.89 -23.16
C SER F 26 -15.66 55.41 -23.23
N PRO F 27 -15.97 54.65 -22.18
CA PRO F 27 -16.18 53.21 -22.32
C PRO F 27 -17.48 52.98 -23.06
N SER F 28 -17.34 52.51 -24.30
CA SER F 28 -18.45 52.14 -25.18
C SER F 28 -19.09 50.84 -24.67
N GLU F 29 -20.36 50.92 -24.27
CA GLU F 29 -21.13 49.74 -23.88
C GLU F 29 -20.47 48.93 -22.78
N GLY F 30 -19.80 49.62 -21.86
CA GLY F 30 -19.14 48.97 -20.74
C GLY F 30 -17.72 48.45 -20.95
N LEU F 31 -17.17 48.59 -22.15
CA LEU F 31 -15.78 48.20 -22.39
C LEU F 31 -14.96 49.30 -23.04
N CYS F 32 -13.65 49.10 -22.99
CA CYS F 32 -12.70 50.06 -23.50
C CYS F 32 -12.04 49.42 -24.67
N PRO F 33 -11.85 50.16 -25.76
CA PRO F 33 -11.37 49.58 -27.00
C PRO F 33 -9.92 49.17 -26.91
N PRO F 34 -9.51 48.24 -27.76
CA PRO F 34 -8.12 47.79 -27.82
C PRO F 34 -7.17 48.97 -27.81
N GLY F 35 -6.03 48.74 -27.17
CA GLY F 35 -5.01 49.76 -27.00
C GLY F 35 -5.40 50.71 -25.89
N HIS F 36 -6.36 50.29 -25.06
CA HIS F 36 -6.77 51.11 -23.93
C HIS F 36 -7.04 50.23 -22.70
N HIS F 37 -6.91 50.83 -21.52
CA HIS F 37 -7.43 50.29 -20.27
C HIS F 37 -8.51 51.21 -19.69
N ILE F 38 -9.28 50.67 -18.75
CA ILE F 38 -10.40 51.37 -18.16
C ILE F 38 -9.97 51.81 -16.80
N SER F 39 -10.53 52.91 -16.34
CA SER F 39 -10.24 53.43 -15.02
C SER F 39 -10.96 52.62 -13.96
N GLU F 40 -10.65 52.93 -12.70
CA GLU F 40 -11.28 52.25 -11.55
C GLU F 40 -12.80 52.47 -11.62
N ASP F 41 -13.18 53.75 -11.56
CA ASP F 41 -14.58 54.18 -11.57
C ASP F 41 -15.33 53.71 -12.79
N GLY F 42 -14.61 53.42 -13.87
CA GLY F 42 -15.22 52.91 -15.08
C GLY F 42 -15.99 53.96 -15.87
N ARG F 43 -15.57 55.22 -15.72
CA ARG F 43 -16.19 56.36 -16.38
C ARG F 43 -15.34 56.85 -17.54
N ASP F 44 -14.03 56.57 -17.51
CA ASP F 44 -13.13 57.01 -18.58
C ASP F 44 -12.17 55.94 -19.12
N CYS F 45 -11.91 55.95 -20.42
CA CYS F 45 -10.88 55.08 -21.02
C CYS F 45 -9.55 55.80 -21.12
N ILE F 46 -8.47 55.03 -21.01
CA ILE F 46 -7.10 55.57 -21.02
C ILE F 46 -6.28 54.75 -21.99
N SER F 47 -5.48 55.41 -22.84
CA SER F 47 -4.68 54.68 -23.84
C SER F 47 -3.37 54.23 -23.26
N CYS F 48 -2.92 53.07 -23.71
CA CYS F 48 -1.65 52.54 -23.31
C CYS F 48 -0.54 53.41 -23.86
N LYS F 49 0.62 53.36 -23.21
CA LYS F 49 1.76 54.17 -23.59
C LYS F 49 2.46 53.37 -24.67
N TYR F 50 2.43 53.87 -25.90
CA TYR F 50 3.09 53.18 -27.00
C TYR F 50 4.49 52.77 -26.56
N GLY F 51 4.80 51.48 -26.68
CA GLY F 51 6.15 50.99 -26.49
C GLY F 51 6.43 50.39 -25.12
N GLN F 52 5.68 50.84 -24.11
CA GLN F 52 5.81 50.33 -22.74
C GLN F 52 4.73 49.30 -22.42
N ASP F 53 3.49 49.56 -22.81
CA ASP F 53 2.43 48.57 -22.64
C ASP F 53 1.36 48.60 -23.75
N TYR F 54 0.45 47.63 -23.68
CA TYR F 54 -0.49 47.34 -24.77
C TYR F 54 -1.73 46.59 -24.26
N SER F 55 -2.85 46.68 -24.99
CA SER F 55 -3.96 45.72 -24.87
C SER F 55 -4.65 45.45 -26.21
N THR F 56 -5.11 44.23 -26.40
CA THR F 56 -5.51 43.73 -27.70
C THR F 56 -7.00 43.54 -27.92
N HIS F 57 -7.73 43.17 -26.88
CA HIS F 57 -9.18 43.04 -26.96
C HIS F 57 -9.88 44.26 -26.34
N TRP F 58 -11.16 44.43 -26.66
CA TRP F 58 -12.00 45.33 -25.89
C TRP F 58 -12.01 44.77 -24.47
N ASN F 59 -11.94 45.64 -23.47
CA ASN F 59 -11.67 45.19 -22.11
C ASN F 59 -12.14 46.12 -21.01
N ASP F 60 -12.14 45.62 -19.79
CA ASP F 60 -12.35 46.45 -18.60
C ASP F 60 -11.19 46.30 -17.63
N LEU F 61 -9.99 46.15 -18.18
CA LEU F 61 -8.76 46.01 -17.41
C LEU F 61 -8.36 47.28 -16.71
N LEU F 62 -7.95 47.13 -15.47
CA LEU F 62 -7.51 48.28 -14.69
C LEU F 62 -6.26 48.91 -15.25
N PHE F 63 -5.41 48.11 -15.89
CA PHE F 63 -4.26 48.67 -16.59
C PHE F 63 -3.64 47.70 -17.57
N CYS F 64 -2.87 48.27 -18.51
CA CYS F 64 -2.43 47.57 -19.72
C CYS F 64 -1.35 46.57 -19.38
N LEU F 65 -1.14 45.62 -20.27
CA LEU F 65 -0.11 44.59 -20.07
C LEU F 65 1.29 45.04 -20.49
N ARG F 66 2.32 44.67 -19.73
CA ARG F 66 3.71 45.01 -20.08
C ARG F 66 4.15 44.30 -21.37
N CYS F 67 4.88 45.02 -22.21
CA CYS F 67 5.39 44.50 -23.48
C CYS F 67 6.52 43.53 -23.25
N THR F 68 6.61 42.49 -24.09
CA THR F 68 7.62 41.46 -23.94
C THR F 68 8.94 41.95 -24.54
N ARG F 69 10.03 41.95 -23.78
CA ARG F 69 11.31 42.49 -24.31
C ARG F 69 12.17 41.37 -24.88
N CYS F 70 12.58 41.50 -26.13
CA CYS F 70 13.32 40.41 -26.75
C CYS F 70 14.57 40.12 -25.97
N ASP F 71 14.94 38.85 -25.88
CA ASP F 71 16.23 38.42 -25.30
C ASP F 71 17.39 38.81 -26.22
N SER F 72 18.61 38.60 -25.74
CA SER F 72 19.81 38.95 -26.50
C SER F 72 19.98 37.99 -27.69
N GLY F 73 19.62 36.73 -27.48
CA GLY F 73 19.64 35.74 -28.55
C GLY F 73 18.47 35.84 -29.50
N GLU F 74 17.50 36.68 -29.18
CA GLU F 74 16.31 36.85 -30.01
C GLU F 74 16.36 38.15 -30.81
N VAL F 75 15.58 38.19 -31.90
CA VAL F 75 15.33 39.43 -32.65
C VAL F 75 13.89 39.86 -32.46
N GLU F 76 13.66 41.15 -32.59
CA GLU F 76 12.32 41.67 -32.67
C GLU F 76 11.87 41.53 -34.10
N LEU F 77 10.93 40.64 -34.32
CA LEU F 77 10.24 40.50 -35.60
C LEU F 77 9.29 41.68 -35.81
N SER F 78 8.50 41.98 -34.77
CA SER F 78 7.55 43.10 -34.78
C SER F 78 7.62 43.88 -33.47
N PRO F 79 7.68 45.22 -33.53
CA PRO F 79 7.81 46.03 -32.31
C PRO F 79 6.49 46.07 -31.59
N CYS F 80 6.53 46.42 -30.30
CA CYS F 80 5.31 46.55 -29.50
C CYS F 80 4.55 47.82 -29.87
N THR F 81 3.23 47.69 -29.97
CA THR F 81 2.32 48.84 -30.07
C THR F 81 1.34 48.77 -28.92
N THR F 82 0.37 49.68 -28.94
CA THR F 82 -0.73 49.66 -28.00
C THR F 82 -1.62 48.47 -28.23
N THR F 83 -1.84 48.15 -29.50
CA THR F 83 -2.81 47.15 -29.90
C THR F 83 -2.23 45.76 -30.06
N ARG F 84 -0.94 45.62 -29.82
CA ARG F 84 -0.24 44.38 -30.16
C ARG F 84 1.00 44.22 -29.32
N ASN F 85 1.32 43.00 -28.97
CA ASN F 85 2.51 42.79 -28.16
C ASN F 85 3.65 42.33 -29.04
N THR F 86 4.81 42.92 -28.82
CA THR F 86 6.01 42.60 -29.58
C THR F 86 6.15 41.11 -29.85
N VAL F 87 6.64 40.77 -31.04
CA VAL F 87 6.89 39.39 -31.41
C VAL F 87 8.36 39.12 -31.67
N CYS F 88 8.93 38.20 -30.91
CA CYS F 88 10.36 37.91 -30.93
C CYS F 88 10.62 36.52 -31.49
N GLN F 89 11.82 36.33 -32.02
CA GLN F 89 12.16 35.13 -32.76
C GLN F 89 13.61 34.77 -32.54
N CYS F 90 13.93 33.49 -32.61
CA CYS F 90 15.30 33.09 -32.34
C CYS F 90 16.21 33.37 -33.53
N GLU F 91 17.40 33.91 -33.29
CA GLU F 91 18.24 34.40 -34.37
C GLU F 91 18.73 33.24 -35.24
N GLU F 92 19.07 33.54 -36.50
CA GLU F 92 19.44 32.51 -37.47
C GLU F 92 20.45 31.56 -36.84
N GLY F 93 20.14 30.28 -36.84
CA GLY F 93 20.98 29.28 -36.21
C GLY F 93 20.37 28.63 -34.97
N THR F 94 19.36 29.27 -34.38
CA THR F 94 18.83 28.83 -33.08
C THR F 94 17.33 28.55 -33.13
N PHE F 95 16.79 28.03 -32.02
CA PHE F 95 15.37 27.69 -31.89
C PHE F 95 14.86 27.76 -30.44
N ARG F 96 13.55 27.61 -30.22
CA ARG F 96 13.01 27.64 -28.84
C ARG F 96 11.65 26.97 -28.62
N GLU F 97 11.92 26.77 -27.27
CA GLU F 97 10.72 25.97 -27.08
C GLU F 97 10.20 26.17 -25.66
N GLU F 98 9.06 25.56 -25.36
CA GLU F 98 8.39 25.70 -24.06
C GLU F 98 9.31 25.60 -22.83
N ASP F 99 10.19 24.60 -22.82
CA ASP F 99 11.11 24.37 -21.70
C ASP F 99 12.44 25.10 -21.77
N SER F 100 12.60 25.89 -22.82
CA SER F 100 13.81 26.68 -22.98
C SER F 100 13.46 28.09 -23.50
N PRO F 101 12.63 28.83 -22.74
CA PRO F 101 12.22 30.19 -23.12
C PRO F 101 13.27 31.26 -22.79
N GLU F 102 14.27 30.87 -22.02
CA GLU F 102 15.31 31.77 -21.54
C GLU F 102 16.46 32.15 -22.46
N MET F 103 16.91 31.19 -23.26
CA MET F 103 18.04 31.37 -24.12
C MET F 103 17.83 30.55 -25.40
N CYS F 104 17.51 30.97 -26.22
CA CYS F 104 17.59 30.32 -27.51
C CYS F 104 18.70 29.29 -27.55
N ARG F 105 18.58 28.35 -28.49
CA ARG F 105 19.42 27.16 -28.53
C ARG F 105 19.95 26.83 -29.94
N LYS F 106 21.25 26.55 -30.02
CA LYS F 106 21.89 26.17 -31.28
C LYS F 106 21.25 24.92 -31.89
N CYS F 107 21.02 24.98 -33.21
CA CYS F 107 20.69 23.81 -34.00
C CYS F 107 21.92 22.96 -34.20
N ARG F 108 21.70 21.68 -34.45
CA ARG F 108 22.78 20.77 -34.74
C ARG F 108 23.13 20.94 -36.22
N THR F 109 24.42 20.93 -36.52
CA THR F 109 24.91 21.17 -37.88
C THR F 109 24.59 20.01 -38.80
N GLY F 110 24.55 18.80 -38.23
CA GLY F 110 24.18 17.62 -38.98
C GLY F 110 23.61 16.53 -38.10
N CYS F 111 23.36 15.39 -38.73
CA CYS F 111 22.85 14.21 -38.04
C CYS F 111 24.02 13.34 -37.55
N PRO F 112 23.74 12.41 -36.63
CA PRO F 112 24.71 11.36 -36.29
C PRO F 112 24.93 10.37 -37.44
N ARG F 113 25.61 9.25 -37.15
CA ARG F 113 25.84 8.19 -38.15
C ARG F 113 24.57 7.36 -38.40
N GLY F 114 24.30 7.06 -39.66
CA GLY F 114 23.13 6.26 -40.03
C GLY F 114 21.80 6.97 -39.86
N MET F 115 21.85 8.31 -39.85
CA MET F 115 20.66 9.15 -39.76
C MET F 115 20.79 10.31 -40.76
N VAL F 116 19.65 10.81 -41.24
CA VAL F 116 19.65 11.83 -42.29
C VAL F 116 18.81 13.06 -41.96
N LYS F 117 19.13 14.18 -42.59
CA LYS F 117 18.30 15.37 -42.48
C LYS F 117 16.92 15.06 -43.05
N VAL F 118 15.89 15.26 -42.23
CA VAL F 118 14.50 15.13 -42.67
C VAL F 118 13.83 16.49 -42.56
N GLY F 119 13.86 17.05 -41.34
CA GLY F 119 13.36 18.39 -41.08
C GLY F 119 14.52 19.36 -40.87
N ASP F 120 14.31 20.59 -41.32
CA ASP F 120 15.33 21.63 -41.22
C ASP F 120 15.39 22.25 -39.83
N CYS F 121 16.37 23.14 -39.68
CA CYS F 121 16.47 24.03 -38.55
C CYS F 121 15.53 25.20 -38.79
N THR F 122 14.69 25.51 -37.80
CA THR F 122 13.82 26.68 -37.83
C THR F 122 13.99 27.46 -36.53
N PRO F 123 13.43 28.65 -36.45
CA PRO F 123 13.36 29.36 -35.16
C PRO F 123 12.55 28.64 -34.08
N TRP F 124 11.80 27.58 -34.41
CA TRP F 124 11.01 26.85 -33.41
C TRP F 124 11.33 25.35 -33.24
N SER F 125 12.41 24.85 -33.85
CA SER F 125 12.84 23.46 -33.64
C SER F 125 14.29 23.18 -34.04
N ASP F 126 14.79 22.04 -33.58
CA ASP F 126 16.07 21.50 -34.07
C ASP F 126 15.82 20.88 -35.43
N ILE F 127 16.88 20.42 -36.08
CA ILE F 127 16.72 19.50 -37.21
C ILE F 127 16.19 18.17 -36.66
N GLU F 128 15.57 17.38 -37.54
CA GLU F 128 15.01 16.09 -37.17
C GLU F 128 15.66 14.99 -37.99
N CYS F 129 16.29 14.04 -37.31
CA CYS F 129 16.95 12.93 -37.98
C CYS F 129 16.34 11.60 -37.52
N VAL F 130 16.28 10.62 -38.43
CA VAL F 130 15.64 9.33 -38.16
C VAL F 130 16.53 8.15 -38.53
#